data_6JOO
#
_entry.id   6JOO
#
_cell.length_a   139.015
_cell.length_b   118.999
_cell.length_c   116.272
_cell.angle_alpha   90.000
_cell.angle_beta   113.590
_cell.angle_gamma   90.000
#
_symmetry.space_group_name_H-M   'C 1 2 1'
#
loop_
_entity.id
_entity.type
_entity.pdbx_description
1 polymer 'CRISPR-associated protein,CRISPR-associated endonuclease Cas9'
2 polymer 'Guide RNA'
3 polymer 'Non-Target DNA'
4 polymer 'Target DNA'
5 non-polymer 1,2-ETHANEDIOL
6 non-polymer 'ZINC ION'
7 water water
#
loop_
_entity_poly.entity_id
_entity_poly.type
_entity_poly.pdbx_seq_one_letter_code
_entity_poly.pdbx_strand_id
1 'polypeptide(L)'
;GSH(MSE)KYHVGIDVGTFSVGLAAIEVDDAG(MSE)PIKTLSLVSHIHDSGLDPDEIKSAVTRLASSGIARRTRRLYRR
KRRRLQQLDKFIQRQGWPVIELEDYSDPLYPWKVRAELAASYIADEKERGEKLSVALRHIARHRGWRNPYAKVSSLYLPD
GPSDAFKAIREEIKRASGQPVPETATVGQ(MSE)VTLCELGTLKLRGEGGVLSARLQQSDYAREIQEICR(MSE)QEIGQ
ELYRKIIDVVFAAESPKGSASSRVGKDPLQPGKNRALKASDAFQRYRIAALIGNLRVRVDGEKRILSVEEKNLVFDHLVN
LTPKKEPEWVTIAEILGIDRGQLIGTAT(MSE)TDDGERAGARPPTHDTNRSIVNSRIAPLVDWWKTASALEQHA(MSE)
VKALSNAEVDDFDSPEGAKVQAFFADLDDDVHAKLDSLHLPVGRAAYSEDTLVRLTRR(MSE)LSDGVDLYTARLQEFGI
EPSWTPPTPRIGEPVGNPAVDRVLKTVSRWLESATKTWGAPERVIIEHGGGSGGS(MSE)ESVAW(MSE)ANELRSRVAQ
HFASHGTTVRVYRGSLTAEARRASGISGKLKFFDGVGKSRLDRRHHAIDAAVIAFTSDYVAETLAVRSNLKQSQAHRQEA
PQWREFTGKDAEHRAAWRVWCQK(MSE)EKLSALLTEDLRDDRVVV(MSE)SNVRLRLGNGSAHKETIGKLSKVKLSSQL
SVSDIDKASSEALWCALTREPGFDPKEGLPANPERHIRVNGTHVYAGDNIGLFPVSAGSIALRGGYAELGSSFHHARVYK
ITSGKKPAFA(MSE)LRVYTIDLLPYRNQDLFSVELKPQT(MSE)S(MSE)RQAEKKLRDALATGNAEYLGWLVVDDELV
VDTSKIATDQVKAVEAELGTIRRWRVDGFFSPSKLRLRPLQ(MSE)SKEGIKKESAPELSKIIDRPGWLPAVNKLFSDGN
VTVVRRDSLGRVRLESTAHLPVTWKVQ
;
A
2 'polyribonucleotide'
;GGAAAUUAGGUGCGCUUGGCACUGGGGUUCAGGAAACUGAACCUCAGUAAGCAUUGGCUCGUUUCCAAUGUUGAUUGCUC
CGCCGGUGCUCCUUAUUUUUAAGGGCGCCGGCA
;
B
3 'polydeoxyribonucleotide' (DG)(DG)(DG)(DT)(DA)(DA)(DT)(DG) D
4 'polydeoxyribonucleotide'
;(DC)(DA)(DT)(DT)(DA)(DC)(DC)(DC)(DG)(DC)(DC)(DA)(DA)(DG)(DC)(DG)(DC)(DA)(DC)(DC)
(DT)(DA)(DA)(DT)(DT)(DT)(DC)(DC)
;
C
#
loop_
_chem_comp.id
_chem_comp.type
_chem_comp.name
_chem_comp.formula
A RNA linking ADENOSINE-5'-MONOPHOSPHATE 'C10 H14 N5 O7 P'
C RNA linking CYTIDINE-5'-MONOPHOSPHATE 'C9 H14 N3 O8 P'
DA DNA linking 2'-DEOXYADENOSINE-5'-MONOPHOSPHATE 'C10 H14 N5 O6 P'
DC DNA linking 2'-DEOXYCYTIDINE-5'-MONOPHOSPHATE 'C9 H14 N3 O7 P'
DG DNA linking 2'-DEOXYGUANOSINE-5'-MONOPHOSPHATE 'C10 H14 N5 O7 P'
DT DNA linking THYMIDINE-5'-MONOPHOSPHATE 'C10 H15 N2 O8 P'
EDO non-polymer 1,2-ETHANEDIOL 'C2 H6 O2'
G RNA linking GUANOSINE-5'-MONOPHOSPHATE 'C10 H14 N5 O8 P'
U RNA linking URIDINE-5'-MONOPHOSPHATE 'C9 H13 N2 O9 P'
ZN non-polymer 'ZINC ION' 'Zn 2'
#
# COMPACT_ATOMS: atom_id res chain seq x y z
N SER A 2 -21.91 -14.33 30.67
CA SER A 2 -21.55 -14.47 32.08
C SER A 2 -22.13 -13.33 32.90
N HIS A 3 -22.41 -13.61 34.18
CA HIS A 3 -22.98 -12.61 35.08
C HIS A 3 -21.95 -11.66 35.66
N MSE A 4 -20.69 -11.74 35.22
CA MSE A 4 -19.64 -10.90 35.77
C MSE A 4 -19.68 -9.50 35.18
O MSE A 4 -19.92 -9.31 33.99
CB MSE A 4 -18.27 -11.53 35.53
CG MSE A 4 -18.19 -13.01 35.89
SE MSE A 4 -16.43 -13.81 35.52
CE MSE A 4 -16.89 -15.69 35.73
N LYS A 5 -19.47 -8.50 36.05
CA LYS A 5 -19.39 -7.10 35.65
C LYS A 5 -17.92 -6.68 35.68
N TYR A 6 -17.52 -5.87 34.70
CA TYR A 6 -16.11 -5.53 34.56
C TYR A 6 -15.97 -4.23 33.78
N HIS A 7 -14.76 -3.67 33.83
CA HIS A 7 -14.39 -2.48 33.08
C HIS A 7 -13.34 -2.83 32.04
N VAL A 8 -13.22 -1.97 31.03
CA VAL A 8 -12.32 -2.18 29.91
C VAL A 8 -11.42 -0.96 29.78
N GLY A 9 -10.12 -1.21 29.73
CA GLY A 9 -9.17 -0.13 29.47
C GLY A 9 -8.41 -0.36 28.18
N ILE A 10 -8.33 0.66 27.32
CA ILE A 10 -7.67 0.56 26.02
C ILE A 10 -6.61 1.65 25.93
N ASP A 11 -5.34 1.25 25.83
CA ASP A 11 -4.20 2.13 25.63
C ASP A 11 -3.74 2.03 24.19
N VAL A 12 -3.73 3.16 23.48
CA VAL A 12 -3.34 3.20 22.09
C VAL A 12 -1.94 3.79 21.99
N GLY A 13 -0.99 2.97 21.55
CA GLY A 13 0.37 3.43 21.31
C GLY A 13 0.64 3.65 19.82
N THR A 14 1.88 4.05 19.54
CA THR A 14 2.27 4.28 18.16
C THR A 14 2.39 2.97 17.38
N PHE A 15 2.86 1.91 18.03
CA PHE A 15 2.95 0.60 17.40
C PHE A 15 2.36 -0.51 18.26
N SER A 16 1.60 -0.17 19.31
CA SER A 16 1.04 -1.17 20.21
C SER A 16 -0.38 -0.77 20.58
N VAL A 17 -1.11 -1.72 21.16
CA VAL A 17 -2.47 -1.49 21.66
C VAL A 17 -2.59 -2.20 22.99
N GLY A 18 -2.68 -1.44 24.08
CA GLY A 18 -2.89 -2.03 25.39
C GLY A 18 -4.34 -2.37 25.63
N LEU A 19 -4.65 -3.66 25.79
CA LEU A 19 -6.01 -4.12 26.02
C LEU A 19 -6.11 -4.75 27.40
N ALA A 20 -7.08 -4.28 28.19
CA ALA A 20 -7.25 -4.74 29.56
C ALA A 20 -8.73 -4.81 29.91
N ALA A 21 -9.10 -5.88 30.63
CA ALA A 21 -10.46 -6.06 31.13
C ALA A 21 -10.35 -6.70 32.50
N ILE A 22 -10.83 -6.01 33.53
CA ILE A 22 -10.70 -6.45 34.91
C ILE A 22 -12.11 -6.57 35.50
N GLU A 23 -12.40 -7.73 36.10
CA GLU A 23 -13.69 -7.93 36.75
C GLU A 23 -13.84 -6.97 37.92
N VAL A 24 -14.99 -6.31 37.98
CA VAL A 24 -15.23 -5.24 38.94
C VAL A 24 -16.35 -5.66 39.89
N ASP A 25 -16.21 -5.27 41.16
CA ASP A 25 -17.25 -5.52 42.15
C ASP A 25 -18.48 -4.67 41.85
N ASP A 26 -19.56 -4.94 42.58
CA ASP A 26 -20.79 -4.17 42.41
C ASP A 26 -20.59 -2.70 42.78
N ALA A 27 -19.72 -2.42 43.74
CA ALA A 27 -19.47 -1.04 44.13
C ALA A 27 -18.46 -0.38 43.20
N GLY A 28 -17.43 -1.11 42.79
CA GLY A 28 -16.42 -0.57 41.89
C GLY A 28 -15.03 -1.09 42.17
N MSE A 29 -14.93 -2.17 42.93
CA MSE A 29 -13.64 -2.71 43.33
C MSE A 29 -13.17 -3.83 42.39
O MSE A 29 -13.97 -4.67 41.99
CB MSE A 29 -13.69 -3.21 44.77
CG MSE A 29 -14.01 -2.12 45.81
SE MSE A 29 -12.60 -0.80 46.04
CE MSE A 29 -13.62 0.63 46.87
N PRO A 30 -11.89 -3.84 42.06
CA PRO A 30 -11.35 -4.90 41.19
C PRO A 30 -11.32 -6.24 41.92
N ILE A 31 -11.65 -7.30 41.20
CA ILE A 31 -11.73 -8.64 41.78
C ILE A 31 -10.76 -9.58 41.09
N LYS A 32 -10.91 -9.75 39.78
CA LYS A 32 -10.09 -10.67 39.01
C LYS A 32 -9.75 -10.05 37.66
N THR A 33 -8.53 -10.29 37.19
CA THR A 33 -8.12 -9.84 35.87
C THR A 33 -8.62 -10.82 34.81
N LEU A 34 -9.45 -10.33 33.89
CA LEU A 34 -10.04 -11.21 32.89
C LEU A 34 -9.11 -11.41 31.70
N SER A 35 -8.53 -10.32 31.17
CA SER A 35 -7.65 -10.42 30.02
C SER A 35 -6.72 -9.22 30.00
N LEU A 36 -5.42 -9.49 29.97
CA LEU A 36 -4.39 -8.45 29.84
C LEU A 36 -3.58 -8.76 28.59
N VAL A 37 -3.65 -7.88 27.61
CA VAL A 37 -3.04 -8.13 26.30
C VAL A 37 -2.30 -6.88 25.85
N SER A 38 -1.02 -7.02 25.52
CA SER A 38 -0.23 -5.97 24.88
C SER A 38 -0.07 -6.38 23.43
N HIS A 39 -1.00 -5.94 22.59
CA HIS A 39 -1.01 -6.34 21.18
C HIS A 39 -0.06 -5.46 20.38
N ILE A 40 0.84 -6.10 19.62
CA ILE A 40 1.81 -5.41 18.79
C ILE A 40 1.41 -5.57 17.33
N HIS A 41 1.55 -4.49 16.56
CA HIS A 41 1.24 -4.50 15.14
C HIS A 41 2.39 -3.87 14.35
N ASP A 42 2.44 -4.21 13.06
CA ASP A 42 3.47 -3.74 12.15
C ASP A 42 3.15 -2.39 11.53
N SER A 43 2.10 -1.71 12.02
CA SER A 43 1.64 -0.44 11.48
C SER A 43 1.30 -0.52 9.99
N GLY A 44 1.02 -1.74 9.51
CA GLY A 44 0.70 -1.93 8.11
C GLY A 44 1.82 -1.64 7.15
N LEU A 45 3.07 -1.66 7.61
CA LEU A 45 4.19 -1.28 6.77
C LEU A 45 4.66 -2.44 5.91
N ASP A 46 5.24 -2.09 4.76
CA ASP A 46 5.84 -3.08 3.88
C ASP A 46 7.22 -3.45 4.41
N PRO A 47 7.47 -4.72 4.72
CA PRO A 47 8.80 -5.09 5.23
C PRO A 47 9.93 -4.82 4.25
N ASP A 48 9.67 -4.91 2.95
CA ASP A 48 10.72 -4.72 1.94
C ASP A 48 11.12 -3.27 1.77
N GLU A 49 10.27 -2.32 2.19
CA GLU A 49 10.65 -0.91 2.22
C GLU A 49 11.43 -0.69 3.51
N ILE A 50 12.74 -0.46 3.38
CA ILE A 50 13.66 -0.43 4.53
C ILE A 50 13.26 0.69 5.48
N LYS A 51 12.13 0.52 6.14
CA LYS A 51 11.64 1.42 7.19
C LYS A 51 11.67 2.88 6.75
N SER A 52 11.18 3.11 5.53
CA SER A 52 10.87 4.44 5.05
C SER A 52 9.40 4.79 5.26
N ALA A 53 8.73 4.05 6.15
CA ALA A 53 7.33 4.31 6.49
C ALA A 53 6.44 4.23 5.25
N VAL A 54 6.59 3.13 4.50
CA VAL A 54 5.78 2.87 3.32
C VAL A 54 4.91 1.65 3.60
N THR A 55 3.60 1.85 3.57
CA THR A 55 2.67 0.77 3.87
C THR A 55 2.49 -0.14 2.65
N ARG A 56 1.94 -1.33 2.92
CA ARG A 56 1.65 -2.26 1.84
C ARG A 56 0.66 -1.66 0.85
N LEU A 57 -0.35 -0.95 1.36
CA LEU A 57 -1.32 -0.32 0.47
C LEU A 57 -0.66 0.64 -0.50
N ALA A 58 0.32 1.41 -0.02
CA ALA A 58 0.97 2.40 -0.86
C ALA A 58 1.82 1.72 -1.94
N SER A 59 2.63 0.74 -1.54
CA SER A 59 3.48 0.04 -2.51
C SER A 59 2.65 -0.81 -3.47
N SER A 60 1.54 -1.37 -2.99
CA SER A 60 0.65 -2.13 -3.88
C SER A 60 0.08 -1.23 -4.96
N GLY A 61 -0.25 0.01 -4.61
CA GLY A 61 -0.83 0.91 -5.58
C GLY A 61 0.18 1.34 -6.64
N ILE A 62 1.43 1.59 -6.22
CA ILE A 62 2.47 1.95 -7.17
C ILE A 62 2.70 0.80 -8.15
N ALA A 63 2.76 -0.43 -7.63
CA ALA A 63 2.93 -1.59 -8.51
C ALA A 63 1.70 -1.80 -9.38
N ARG A 64 0.51 -1.56 -8.83
CA ARG A 64 -0.72 -1.70 -9.61
C ARG A 64 -0.75 -0.69 -10.75
N ARG A 65 -0.50 0.58 -10.45
CA ARG A 65 -0.53 1.61 -11.48
C ARG A 65 0.58 1.41 -12.51
N THR A 66 1.78 1.07 -12.03
CA THR A 66 2.90 0.87 -12.94
C THR A 66 2.66 -0.32 -13.86
N ARG A 67 2.08 -1.40 -13.32
CA ARG A 67 1.76 -2.57 -14.13
C ARG A 67 0.80 -2.19 -15.25
N ARG A 68 -0.19 -1.33 -14.96
CA ARG A 68 -1.11 -0.86 -15.98
C ARG A 68 -0.42 0.08 -16.97
N LEU A 69 0.58 0.82 -16.51
CA LEU A 69 1.24 1.78 -17.39
C LEU A 69 1.95 1.07 -18.55
N TYR A 70 2.64 -0.03 -18.25
CA TYR A 70 3.30 -0.79 -19.32
C TYR A 70 2.28 -1.42 -20.26
N ARG A 71 1.10 -1.76 -19.75
CA ARG A 71 0.04 -2.30 -20.61
C ARG A 71 -0.53 -1.21 -21.51
N ARG A 72 -0.81 -0.04 -20.94
CA ARG A 72 -1.33 1.06 -21.75
C ARG A 72 -0.33 1.52 -22.79
N LYS A 73 0.97 1.44 -22.48
CA LYS A 73 1.98 1.84 -23.45
C LYS A 73 2.06 0.87 -24.63
N ARG A 74 1.84 -0.42 -24.38
CA ARG A 74 1.89 -1.39 -25.47
C ARG A 74 0.67 -1.25 -26.39
N ARG A 75 -0.49 -0.93 -25.82
CA ARG A 75 -1.69 -0.74 -26.62
C ARG A 75 -1.56 0.46 -27.55
N ARG A 76 -0.91 1.54 -27.10
CA ARG A 76 -0.69 2.69 -27.95
C ARG A 76 0.12 2.32 -29.19
N LEU A 77 1.27 1.67 -28.99
CA LEU A 77 2.14 1.34 -30.11
C LEU A 77 1.49 0.34 -31.05
N GLN A 78 0.62 -0.54 -30.54
CA GLN A 78 -0.12 -1.43 -31.41
C GLN A 78 -1.17 -0.67 -32.21
N GLN A 79 -1.84 0.30 -31.58
CA GLN A 79 -2.82 1.10 -32.30
C GLN A 79 -2.16 2.04 -33.30
N LEU A 80 -0.95 2.52 -33.00
CA LEU A 80 -0.25 3.40 -33.94
C LEU A 80 0.20 2.63 -35.18
N ASP A 81 0.62 1.37 -35.01
CA ASP A 81 1.00 0.56 -36.14
C ASP A 81 -0.20 0.25 -37.03
N LYS A 82 -1.36 0.00 -36.42
CA LYS A 82 -2.57 -0.23 -37.21
C LYS A 82 -3.02 1.04 -37.91
N PHE A 83 -2.82 2.20 -37.28
CA PHE A 83 -3.13 3.47 -37.93
C PHE A 83 -2.17 3.76 -39.07
N ILE A 84 -0.90 3.38 -38.91
CA ILE A 84 0.09 3.61 -39.96
C ILE A 84 -0.18 2.71 -41.15
N GLN A 85 -0.61 1.47 -40.90
CA GLN A 85 -0.89 0.55 -42.00
C GLN A 85 -2.16 0.92 -42.75
N ARG A 86 -3.13 1.53 -42.06
CA ARG A 86 -4.34 1.97 -42.74
C ARG A 86 -4.10 3.17 -43.65
N GLN A 87 -3.00 3.89 -43.46
CA GLN A 87 -2.59 4.95 -44.37
C GLN A 87 -1.71 4.44 -45.51
N GLY A 88 -1.63 3.12 -45.70
CA GLY A 88 -0.80 2.56 -46.74
C GLY A 88 0.69 2.60 -46.48
N TRP A 89 1.10 3.03 -45.28
CA TRP A 89 2.51 3.12 -44.92
C TRP A 89 3.00 1.81 -44.33
N PRO A 90 4.29 1.51 -44.45
CA PRO A 90 4.81 0.26 -43.92
C PRO A 90 5.36 0.39 -42.51
N VAL A 91 5.22 -0.70 -41.75
CA VAL A 91 5.74 -0.78 -40.39
C VAL A 91 7.10 -1.47 -40.50
N ILE A 92 8.16 -0.66 -40.57
CA ILE A 92 9.52 -1.15 -40.75
C ILE A 92 10.25 -1.11 -39.43
N GLU A 93 11.02 -2.16 -39.14
CA GLU A 93 11.78 -2.20 -37.90
C GLU A 93 13.11 -1.47 -38.06
N LEU A 94 13.54 -0.84 -36.97
CA LEU A 94 14.75 -0.04 -36.98
C LEU A 94 16.02 -0.88 -37.04
N GLU A 95 15.94 -2.17 -36.68
CA GLU A 95 17.11 -3.03 -36.80
C GLU A 95 17.36 -3.45 -38.24
N ASP A 96 16.44 -3.17 -39.16
CA ASP A 96 16.68 -3.46 -40.57
C ASP A 96 17.67 -2.47 -41.18
N TYR A 97 17.59 -1.20 -40.78
CA TYR A 97 18.57 -0.21 -41.20
C TYR A 97 19.84 -0.36 -40.38
N SER A 98 20.98 -0.14 -41.02
CA SER A 98 22.25 -0.28 -40.32
C SER A 98 22.64 0.97 -39.54
N ASP A 99 22.01 2.10 -39.82
CA ASP A 99 22.31 3.32 -39.09
C ASP A 99 21.58 3.30 -37.75
N PRO A 100 22.29 3.28 -36.62
CA PRO A 100 21.58 3.29 -35.33
C PRO A 100 20.87 4.59 -35.04
N LEU A 101 21.36 5.72 -35.56
CA LEU A 101 20.71 7.00 -35.42
C LEU A 101 19.76 7.31 -36.58
N TYR A 102 19.30 6.28 -37.28
CA TYR A 102 18.41 6.51 -38.41
C TYR A 102 17.13 7.25 -38.06
N PRO A 103 16.41 6.94 -36.96
CA PRO A 103 15.20 7.71 -36.66
C PRO A 103 15.47 9.18 -36.38
N TRP A 104 16.61 9.51 -35.78
CA TRP A 104 16.90 10.92 -35.52
C TRP A 104 17.19 11.67 -36.82
N LYS A 105 17.91 11.01 -37.76
CA LYS A 105 18.19 11.65 -39.04
C LYS A 105 16.90 11.89 -39.83
N VAL A 106 15.97 10.93 -39.78
CA VAL A 106 14.73 11.06 -40.53
C VAL A 106 13.87 12.18 -39.95
N ARG A 107 13.81 12.30 -38.62
CA ARG A 107 13.01 13.35 -38.01
C ARG A 107 13.53 14.74 -38.37
N ALA A 108 14.85 14.87 -38.55
CA ALA A 108 15.41 16.14 -38.97
C ALA A 108 15.26 16.36 -40.46
N GLU A 109 15.31 15.29 -41.26
CA GLU A 109 15.16 15.44 -42.71
C GLU A 109 13.73 15.80 -43.09
N LEU A 110 12.75 15.19 -42.41
CA LEU A 110 11.34 15.46 -42.70
C LEU A 110 10.93 16.87 -42.34
N ALA A 111 11.61 17.50 -41.39
CA ALA A 111 11.26 18.85 -40.95
C ALA A 111 11.98 19.94 -41.74
N ALA A 112 12.65 19.58 -42.84
CA ALA A 112 13.42 20.54 -43.62
C ALA A 112 12.92 20.68 -45.05
N SER A 113 12.77 19.58 -45.77
CA SER A 113 12.41 19.64 -47.18
C SER A 113 11.40 18.55 -47.52
N TYR A 114 10.73 18.74 -48.65
CA TYR A 114 9.78 17.76 -49.16
C TYR A 114 10.52 16.50 -49.62
N ILE A 115 9.87 15.35 -49.49
CA ILE A 115 10.40 14.08 -49.95
C ILE A 115 9.62 13.67 -51.20
N ALA A 116 10.34 13.44 -52.30
CA ALA A 116 9.70 13.26 -53.59
C ALA A 116 8.85 11.99 -53.63
N ASP A 117 9.51 10.83 -53.50
CA ASP A 117 8.82 9.56 -53.69
C ASP A 117 7.71 9.37 -52.66
N GLU A 118 6.52 9.00 -53.15
CA GLU A 118 5.40 8.73 -52.26
C GLU A 118 5.68 7.51 -51.38
N LYS A 119 6.45 6.54 -51.89
CA LYS A 119 6.82 5.39 -51.08
C LYS A 119 7.84 5.78 -50.01
N GLU A 120 8.89 6.50 -50.40
CA GLU A 120 9.93 6.89 -49.44
C GLU A 120 9.41 7.89 -48.42
N ARG A 121 8.48 8.75 -48.81
CA ARG A 121 7.94 9.73 -47.88
C ARG A 121 7.11 9.05 -46.79
N GLY A 122 6.37 8.01 -47.14
CA GLY A 122 5.57 7.28 -46.17
C GLY A 122 6.39 6.35 -45.31
N GLU A 123 7.43 5.76 -45.91
CA GLU A 123 8.32 4.88 -45.14
C GLU A 123 9.09 5.67 -44.08
N LYS A 124 9.49 6.91 -44.39
CA LYS A 124 10.21 7.71 -43.42
C LYS A 124 9.27 8.40 -42.44
N LEU A 125 8.03 8.70 -42.84
CA LEU A 125 7.06 9.20 -41.89
C LEU A 125 6.71 8.14 -40.85
N SER A 126 6.56 6.90 -41.27
CA SER A 126 6.28 5.82 -40.32
C SER A 126 7.44 5.64 -39.35
N VAL A 127 8.67 5.80 -39.84
CA VAL A 127 9.84 5.68 -38.98
C VAL A 127 9.88 6.83 -37.97
N ALA A 128 9.58 8.05 -38.42
CA ALA A 128 9.65 9.19 -37.52
C ALA A 128 8.52 9.18 -36.51
N LEU A 129 7.32 8.75 -36.92
CA LEU A 129 6.18 8.75 -36.01
C LEU A 129 6.35 7.72 -34.90
N ARG A 130 6.81 6.51 -35.24
CA ARG A 130 6.97 5.48 -34.22
C ARG A 130 8.02 5.86 -33.20
N HIS A 131 9.03 6.64 -33.59
CA HIS A 131 10.07 7.02 -32.66
C HIS A 131 9.59 8.08 -31.68
N ILE A 132 8.89 9.10 -32.17
CA ILE A 132 8.39 10.16 -31.29
C ILE A 132 7.40 9.59 -30.28
N ALA A 133 6.68 8.54 -30.65
CA ALA A 133 5.68 7.97 -29.75
C ALA A 133 6.31 7.37 -28.50
N ARG A 134 7.54 6.85 -28.61
CA ARG A 134 8.18 6.23 -27.45
C ARG A 134 8.65 7.27 -26.45
N HIS A 135 9.18 8.39 -26.93
CA HIS A 135 9.73 9.46 -26.10
C HIS A 135 8.98 10.73 -26.48
N ARG A 136 7.76 10.86 -25.97
CA ARG A 136 6.81 11.86 -26.45
C ARG A 136 6.58 13.01 -25.48
N GLY A 137 7.33 13.08 -24.40
CA GLY A 137 7.20 14.19 -23.47
C GLY A 137 5.95 14.11 -22.62
N TRP A 138 5.81 15.10 -21.75
CA TRP A 138 4.81 15.12 -20.69
C TRP A 138 3.74 16.17 -20.96
N ARG A 139 2.52 15.87 -20.51
CA ARG A 139 1.43 16.83 -20.54
C ARG A 139 0.57 16.63 -19.30
N ASN A 140 -0.25 17.62 -18.99
CA ASN A 140 -1.20 17.49 -17.91
C ASN A 140 -2.10 16.28 -18.16
N PRO A 141 -2.22 15.36 -17.21
CA PRO A 141 -3.00 14.13 -17.47
C PRO A 141 -4.46 14.41 -17.80
N TYR A 142 -5.06 15.45 -17.22
CA TYR A 142 -6.45 15.79 -17.49
C TYR A 142 -6.64 16.54 -18.79
N ALA A 143 -5.58 17.15 -19.31
CA ALA A 143 -5.65 17.80 -20.62
C ALA A 143 -5.85 16.75 -21.70
N LYS A 144 -6.81 16.99 -22.58
CA LYS A 144 -7.11 16.04 -23.63
C LYS A 144 -6.16 16.24 -24.81
N VAL A 145 -6.25 15.34 -25.79
CA VAL A 145 -5.38 15.39 -26.96
C VAL A 145 -5.59 16.70 -27.71
N SER A 146 -6.83 17.20 -27.75
CA SER A 146 -7.15 18.39 -28.54
C SER A 146 -6.36 19.61 -28.09
N SER A 147 -5.87 19.62 -26.85
CA SER A 147 -5.03 20.72 -26.37
C SER A 147 -3.70 20.82 -27.11
N LEU A 148 -3.40 19.86 -27.99
CA LEU A 148 -2.18 19.88 -28.78
C LEU A 148 -2.41 20.21 -30.25
N TYR A 149 -3.66 20.36 -30.68
CA TYR A 149 -3.91 20.69 -32.08
C TYR A 149 -3.28 22.02 -32.47
N LEU A 150 -3.20 22.96 -31.52
CA LEU A 150 -2.42 24.19 -31.68
C LEU A 150 -1.40 24.22 -30.54
N PRO A 151 -0.21 23.69 -30.76
CA PRO A 151 0.75 23.56 -29.66
C PRO A 151 1.17 24.90 -29.10
N ASP A 152 1.54 24.89 -27.82
CA ASP A 152 1.97 26.10 -27.13
C ASP A 152 3.43 26.43 -27.47
N GLY A 153 3.87 27.58 -26.99
CA GLY A 153 5.24 28.01 -27.19
C GLY A 153 6.23 27.06 -26.55
N PRO A 154 7.49 27.14 -26.96
CA PRO A 154 8.51 26.22 -26.42
C PRO A 154 8.61 26.31 -24.90
N SER A 155 8.75 25.14 -24.27
CA SER A 155 8.86 25.06 -22.82
C SER A 155 10.19 25.64 -22.34
N ASP A 156 10.25 25.89 -21.03
CA ASP A 156 11.51 26.29 -20.41
C ASP A 156 12.58 25.24 -20.60
N ALA A 157 12.20 23.96 -20.66
CA ALA A 157 13.18 22.91 -20.93
C ALA A 157 13.62 22.94 -22.38
N PHE A 158 12.70 23.21 -23.30
CA PHE A 158 13.08 23.30 -24.71
C PHE A 158 14.07 24.43 -24.93
N LYS A 159 13.81 25.60 -24.34
CA LYS A 159 14.75 26.71 -24.45
C LYS A 159 16.08 26.37 -23.77
N ALA A 160 16.03 25.63 -22.66
CA ALA A 160 17.24 25.28 -21.94
C ALA A 160 18.11 24.33 -22.77
N ILE A 161 17.49 23.30 -23.37
CA ILE A 161 18.24 22.37 -24.20
C ILE A 161 18.74 23.08 -25.47
N ARG A 162 17.93 24.00 -26.01
CA ARG A 162 18.33 24.72 -27.23
C ARG A 162 19.61 25.51 -27.00
N GLU A 163 19.71 26.20 -25.86
CA GLU A 163 20.94 26.92 -25.54
C GLU A 163 22.07 25.95 -25.23
N GLU A 164 21.76 24.76 -24.75
CA GLU A 164 22.81 23.80 -24.41
C GLU A 164 23.57 23.34 -25.65
N ILE A 165 22.83 23.01 -26.72
CA ILE A 165 23.46 22.61 -27.96
C ILE A 165 24.26 23.77 -28.55
N LYS A 166 23.77 25.01 -28.35
CA LYS A 166 24.50 26.17 -28.84
C LYS A 166 25.87 26.29 -28.20
N ARG A 167 26.01 25.85 -26.94
CA ARG A 167 27.29 25.94 -26.26
C ARG A 167 28.22 24.80 -26.67
N ALA A 168 27.69 23.58 -26.74
CA ALA A 168 28.54 22.43 -27.07
C ALA A 168 28.91 22.44 -28.56
N SER A 169 27.93 22.65 -29.43
CA SER A 169 28.21 22.63 -30.86
C SER A 169 28.93 23.90 -31.33
N GLY A 170 28.56 25.05 -30.77
CA GLY A 170 29.12 26.32 -31.16
C GLY A 170 28.35 27.02 -32.25
N GLN A 171 27.80 26.26 -33.20
CA GLN A 171 27.00 26.82 -34.28
C GLN A 171 25.53 26.67 -33.91
N PRO A 172 24.84 27.75 -33.53
CA PRO A 172 23.45 27.61 -33.07
C PRO A 172 22.42 27.97 -34.13
N VAL A 173 21.21 27.43 -33.99
CA VAL A 173 20.05 27.86 -34.78
C VAL A 173 18.90 28.12 -33.82
N PRO A 174 18.93 29.23 -33.05
CA PRO A 174 17.87 29.50 -32.04
C PRO A 174 16.59 30.08 -32.64
N GLU A 175 16.06 29.40 -33.65
CA GLU A 175 14.85 29.88 -34.32
C GLU A 175 14.26 28.77 -35.17
N THR A 176 12.98 28.47 -34.94
CA THR A 176 12.21 27.52 -35.74
C THR A 176 12.93 26.18 -35.87
N ALA A 177 13.46 25.69 -34.76
CA ALA A 177 14.19 24.43 -34.73
C ALA A 177 13.36 23.38 -33.97
N THR A 178 13.15 22.23 -34.60
CA THR A 178 12.45 21.14 -33.94
C THR A 178 13.44 20.34 -33.08
N VAL A 179 12.88 19.51 -32.20
CA VAL A 179 13.71 18.72 -31.30
C VAL A 179 14.64 17.80 -32.09
N GLY A 180 14.16 17.28 -33.21
CA GLY A 180 14.95 16.33 -33.96
C GLY A 180 16.16 16.95 -34.64
N GLN A 181 15.99 18.13 -35.22
CA GLN A 181 17.08 18.73 -35.99
C GLN A 181 18.14 19.40 -35.11
N MSE A 182 17.85 19.65 -33.85
CA MSE A 182 18.88 20.13 -32.93
C MSE A 182 19.83 19.00 -32.58
O MSE A 182 21.06 19.14 -32.63
CB MSE A 182 18.26 20.69 -31.65
CG MSE A 182 17.20 21.75 -31.86
SE MSE A 182 16.71 22.56 -30.15
CE MSE A 182 17.00 21.03 -28.99
N VAL A 183 19.24 17.86 -32.21
CA VAL A 183 20.00 16.70 -31.77
C VAL A 183 20.87 16.14 -32.88
N THR A 184 20.41 16.25 -34.14
CA THR A 184 21.06 15.54 -35.23
C THR A 184 22.49 16.02 -35.45
N LEU A 185 22.75 17.32 -35.27
CA LEU A 185 24.06 17.87 -35.56
C LEU A 185 25.11 17.53 -34.51
N CYS A 186 24.70 16.94 -33.37
CA CYS A 186 25.68 16.59 -32.34
C CYS A 186 26.53 15.40 -32.76
N GLU A 187 25.90 14.37 -33.32
CA GLU A 187 26.61 13.18 -33.79
C GLU A 187 27.43 12.53 -32.69
N LYS A 192 25.68 11.63 -26.15
CA LYS A 192 25.08 11.04 -24.96
C LYS A 192 23.79 11.75 -24.55
N LEU A 193 22.68 11.43 -25.20
CA LEU A 193 21.42 12.14 -24.98
C LEU A 193 20.71 11.66 -23.72
N ARG A 194 20.33 10.38 -23.70
CA ARG A 194 19.56 9.82 -22.59
C ARG A 194 20.43 9.67 -21.35
N GLY A 195 19.92 10.11 -20.21
CA GLY A 195 20.61 10.10 -18.94
C GLY A 195 20.59 11.49 -18.34
N GLU A 196 21.37 11.67 -17.27
CA GLU A 196 21.40 12.97 -16.57
C GLU A 196 22.10 14.03 -17.39
N GLY A 197 23.03 13.62 -18.25
CA GLY A 197 23.92 14.59 -18.87
C GLY A 197 23.33 15.23 -20.12
N GLY A 198 22.83 14.41 -21.06
CA GLY A 198 22.44 14.85 -22.39
C GLY A 198 21.27 15.81 -22.53
N VAL A 199 20.08 15.37 -22.12
CA VAL A 199 18.87 16.17 -22.30
C VAL A 199 18.59 16.98 -21.04
N LEU A 200 19.58 17.02 -20.13
CA LEU A 200 19.50 17.74 -18.87
C LEU A 200 18.18 17.43 -18.15
N SER A 201 17.95 16.13 -17.90
CA SER A 201 16.79 15.52 -17.26
C SER A 201 15.58 15.47 -18.19
N ALA A 202 15.63 16.12 -19.36
CA ALA A 202 14.58 15.97 -20.38
C ALA A 202 13.19 16.34 -19.86
N ARG A 203 13.12 17.44 -19.12
CA ARG A 203 11.85 17.91 -18.56
C ARG A 203 10.97 18.50 -19.65
N LEU A 204 10.81 17.78 -20.75
CA LEU A 204 10.16 18.30 -21.95
C LEU A 204 8.64 18.29 -21.81
N GLN A 205 7.97 18.73 -22.87
CA GLN A 205 6.52 18.81 -22.94
C GLN A 205 6.03 18.19 -24.23
N GLN A 206 4.80 17.68 -24.21
CA GLN A 206 4.21 17.13 -25.42
C GLN A 206 3.97 18.21 -26.46
N SER A 207 3.74 19.46 -26.01
CA SER A 207 3.55 20.56 -26.96
C SER A 207 4.80 20.75 -27.81
N ASP A 208 5.99 20.56 -27.23
CA ASP A 208 7.21 20.72 -28.00
C ASP A 208 7.32 19.65 -29.09
N TYR A 209 6.94 18.42 -28.76
CA TYR A 209 6.97 17.35 -29.77
C TYR A 209 5.86 17.51 -30.79
N ALA A 210 4.69 18.03 -30.37
CA ALA A 210 3.62 18.30 -31.33
C ALA A 210 4.06 19.37 -32.33
N ARG A 211 4.87 20.33 -31.88
CA ARG A 211 5.36 21.36 -32.79
C ARG A 211 6.29 20.76 -33.83
N GLU A 212 7.13 19.80 -33.44
CA GLU A 212 7.98 19.11 -34.40
C GLU A 212 7.15 18.33 -35.41
N ILE A 213 6.11 17.64 -34.93
CA ILE A 213 5.21 16.93 -35.84
C ILE A 213 4.52 17.90 -36.78
N GLN A 214 4.12 19.06 -36.25
CA GLN A 214 3.41 20.05 -37.06
C GLN A 214 4.27 20.53 -38.22
N GLU A 215 5.53 20.85 -37.95
CA GLU A 215 6.41 21.32 -39.02
C GLU A 215 6.68 20.21 -40.04
N ILE A 216 6.76 18.96 -39.58
CA ILE A 216 6.92 17.85 -40.50
C ILE A 216 5.70 17.75 -41.42
N CYS A 217 4.52 18.03 -40.88
CA CYS A 217 3.31 18.00 -41.69
C CYS A 217 3.28 19.12 -42.72
N ARG A 218 3.83 20.29 -42.35
CA ARG A 218 3.84 21.41 -43.30
C ARG A 218 4.81 21.15 -44.44
N MSE A 219 5.93 20.47 -44.17
CA MSE A 219 6.93 20.20 -45.18
C MSE A 219 6.49 19.10 -46.15
O MSE A 219 6.92 19.09 -47.30
CB MSE A 219 8.26 19.80 -44.53
CG MSE A 219 8.95 20.92 -43.78
SE MSE A 219 9.48 22.40 -44.95
CE MSE A 219 10.43 23.48 -43.65
N GLN A 220 5.64 18.19 -45.68
CA GLN A 220 5.19 17.07 -46.49
C GLN A 220 3.78 17.25 -47.03
N GLU A 221 3.27 18.49 -47.01
CA GLU A 221 1.95 18.80 -47.53
C GLU A 221 0.87 17.96 -46.86
N ILE A 222 0.86 18.02 -45.54
CA ILE A 222 -0.11 17.32 -44.71
C ILE A 222 -0.98 18.36 -44.03
N GLY A 223 -2.25 18.41 -44.41
CA GLY A 223 -3.16 19.38 -43.86
C GLY A 223 -3.55 19.07 -42.43
N GLN A 224 -4.33 19.97 -41.85
CA GLN A 224 -4.79 19.80 -40.48
C GLN A 224 -5.73 18.62 -40.32
N GLU A 225 -6.33 18.14 -41.42
CA GLU A 225 -7.24 17.01 -41.31
C GLU A 225 -6.51 15.73 -40.92
N LEU A 226 -5.23 15.62 -41.26
CA LEU A 226 -4.44 14.44 -40.91
C LEU A 226 -3.50 14.69 -39.74
N TYR A 227 -2.96 15.89 -39.61
CA TYR A 227 -2.15 16.23 -38.44
C TYR A 227 -2.92 15.99 -37.15
N ARG A 228 -4.17 16.46 -37.08
CA ARG A 228 -4.99 16.23 -35.90
C ARG A 228 -5.19 14.75 -35.65
N LYS A 229 -5.46 13.97 -36.72
CA LYS A 229 -5.66 12.53 -36.56
C LYS A 229 -4.39 11.83 -36.11
N ILE A 230 -3.22 12.37 -36.45
CA ILE A 230 -1.96 11.79 -35.98
C ILE A 230 -1.74 12.13 -34.50
N ILE A 231 -2.02 13.38 -34.12
CA ILE A 231 -1.88 13.78 -32.71
C ILE A 231 -2.77 12.92 -31.82
N ASP A 232 -3.91 12.45 -32.36
CA ASP A 232 -4.81 11.62 -31.57
C ASP A 232 -4.15 10.30 -31.19
N VAL A 233 -3.30 9.77 -32.07
CA VAL A 233 -2.74 8.43 -31.87
C VAL A 233 -1.39 8.50 -31.13
N VAL A 234 -0.53 9.42 -31.55
CA VAL A 234 0.80 9.52 -30.94
C VAL A 234 0.68 9.89 -29.48
N PHE A 235 -0.18 10.85 -29.16
CA PHE A 235 -0.32 11.34 -27.79
C PHE A 235 -1.56 10.79 -27.09
N ALA A 236 -2.03 9.62 -27.51
CA ALA A 236 -3.18 9.00 -26.84
C ALA A 236 -2.83 8.66 -25.40
N ALA A 237 -3.81 8.79 -24.52
CA ALA A 237 -3.62 8.48 -23.11
C ALA A 237 -4.97 8.41 -22.43
N GLU A 238 -5.09 7.48 -21.48
CA GLU A 238 -6.29 7.39 -20.67
C GLU A 238 -6.42 8.62 -19.78
N SER A 239 -7.67 9.00 -19.50
CA SER A 239 -7.72 10.20 -18.69
C SER A 239 -8.07 9.87 -17.25
N PRO A 240 -7.53 10.61 -16.27
CA PRO A 240 -7.90 10.37 -14.87
C PRO A 240 -9.13 11.15 -14.46
N LYS A 241 -10.07 11.33 -15.38
CA LYS A 241 -11.26 12.16 -15.14
C LYS A 241 -12.09 11.65 -13.97
N GLY A 242 -12.76 10.51 -14.15
CA GLY A 242 -13.60 9.97 -13.09
C GLY A 242 -12.89 8.97 -12.20
N SER A 243 -11.58 9.13 -12.05
CA SER A 243 -10.81 8.21 -11.22
C SER A 243 -11.23 8.29 -9.75
N ALA A 244 -11.62 9.47 -9.29
CA ALA A 244 -12.05 9.66 -7.90
C ALA A 244 -13.55 9.50 -7.71
N SER A 245 -14.28 9.20 -8.77
CA SER A 245 -15.74 9.12 -8.65
C SER A 245 -16.18 7.93 -7.83
N SER A 246 -15.37 6.87 -7.78
CA SER A 246 -15.78 5.67 -7.08
C SER A 246 -15.58 5.79 -5.57
N ARG A 247 -14.66 6.65 -5.13
CA ARG A 247 -14.35 6.80 -3.71
C ARG A 247 -14.95 8.07 -3.11
N VAL A 248 -16.15 8.42 -3.50
CA VAL A 248 -16.83 9.58 -2.95
C VAL A 248 -17.63 9.16 -1.73
N GLY A 249 -17.67 10.01 -0.71
CA GLY A 249 -18.42 9.74 0.49
C GLY A 249 -19.92 9.71 0.22
N LYS A 250 -20.68 9.61 1.31
CA LYS A 250 -22.12 9.46 1.23
C LYS A 250 -22.82 10.48 2.13
N ASP A 251 -24.09 10.71 1.82
CA ASP A 251 -24.93 11.61 2.58
C ASP A 251 -25.33 10.96 3.89
N PRO A 252 -25.10 11.60 5.04
CA PRO A 252 -25.58 11.02 6.31
C PRO A 252 -27.10 11.01 6.42
N LEU A 253 -27.75 12.10 6.01
CA LEU A 253 -29.21 12.17 6.11
C LEU A 253 -29.88 11.17 5.16
N GLN A 254 -29.36 11.06 3.94
CA GLN A 254 -29.88 10.12 2.93
C GLN A 254 -28.75 9.20 2.50
N PRO A 255 -28.58 8.05 3.19
CA PRO A 255 -27.40 7.19 2.97
C PRO A 255 -27.08 6.88 1.51
N GLY A 256 -28.06 6.39 0.74
CA GLY A 256 -27.76 5.82 -0.56
C GLY A 256 -27.21 6.81 -1.59
N LYS A 257 -27.33 8.11 -1.34
CA LYS A 257 -26.98 9.11 -2.33
C LYS A 257 -25.55 9.60 -2.12
N ASN A 258 -24.80 9.72 -3.22
CA ASN A 258 -23.43 10.21 -3.16
C ASN A 258 -23.40 11.67 -2.73
N ARG A 259 -22.32 12.05 -2.06
CA ARG A 259 -22.19 13.42 -1.55
C ARG A 259 -22.30 14.43 -2.69
N ALA A 260 -22.83 15.60 -2.35
CA ALA A 260 -23.03 16.64 -3.35
C ALA A 260 -21.69 17.19 -3.83
N LEU A 261 -21.66 17.57 -5.10
CA LEU A 261 -20.46 18.10 -5.73
C LEU A 261 -20.46 19.62 -5.64
N LYS A 262 -19.35 20.19 -5.17
CA LYS A 262 -19.20 21.64 -5.19
C LYS A 262 -19.21 22.14 -6.62
N ALA A 263 -19.47 23.45 -6.78
CA ALA A 263 -19.63 24.07 -8.10
C ALA A 263 -20.78 23.43 -8.87
N SER A 264 -21.84 23.08 -8.16
CA SER A 264 -23.08 22.65 -8.79
C SER A 264 -24.17 23.66 -8.46
N ASP A 265 -25.16 23.78 -9.35
CA ASP A 265 -26.27 24.69 -9.08
C ASP A 265 -26.96 24.35 -7.77
N ALA A 266 -26.95 23.08 -7.36
CA ALA A 266 -27.50 22.70 -6.07
C ALA A 266 -26.72 23.37 -4.94
N PHE A 267 -25.44 23.04 -4.82
CA PHE A 267 -24.64 23.51 -3.67
C PHE A 267 -24.51 25.02 -3.67
N GLN A 268 -24.28 25.62 -4.85
CA GLN A 268 -24.14 27.07 -4.91
C GLN A 268 -25.43 27.76 -4.48
N ARG A 269 -26.57 27.29 -4.99
CA ARG A 269 -27.84 27.84 -4.52
C ARG A 269 -28.13 27.40 -3.09
N TYR A 270 -27.49 26.32 -2.64
CA TYR A 270 -27.64 25.93 -1.25
C TYR A 270 -26.76 26.77 -0.34
N ARG A 271 -25.54 27.08 -0.79
CA ARG A 271 -24.55 27.68 0.10
C ARG A 271 -24.99 29.07 0.58
N ILE A 272 -25.46 29.91 -0.34
CA ILE A 272 -25.89 31.26 0.07
C ILE A 272 -27.16 31.19 0.91
N ALA A 273 -28.00 30.17 0.71
CA ALA A 273 -29.15 30.02 1.58
C ALA A 273 -28.72 29.72 3.01
N ALA A 274 -27.58 29.07 3.17
CA ALA A 274 -27.08 28.76 4.52
C ALA A 274 -26.62 30.01 5.25
N LEU A 275 -26.00 30.96 4.54
CA LEU A 275 -25.41 32.10 5.23
C LEU A 275 -26.49 33.08 5.71
N ILE A 276 -27.51 33.32 4.89
CA ILE A 276 -28.57 34.24 5.31
C ILE A 276 -29.28 33.71 6.55
N GLY A 277 -29.47 32.39 6.64
CA GLY A 277 -30.11 31.83 7.82
C GLY A 277 -29.26 31.95 9.07
N ASN A 278 -27.94 32.01 8.91
CA ASN A 278 -27.03 32.14 10.04
C ASN A 278 -26.87 33.61 10.44
N VAL A 292 -34.01 38.83 11.01
CA VAL A 292 -34.64 37.66 10.43
C VAL A 292 -35.19 38.03 9.06
N GLU A 293 -36.27 38.80 9.08
CA GLU A 293 -36.92 39.29 7.86
C GLU A 293 -37.36 38.14 6.96
N GLU A 294 -38.52 37.58 7.33
CA GLU A 294 -39.02 36.32 6.79
C GLU A 294 -39.71 36.48 5.42
N LYS A 295 -39.69 37.68 4.86
CA LYS A 295 -40.16 37.94 3.51
C LYS A 295 -39.01 38.28 2.57
N ASN A 296 -38.06 39.10 3.03
CA ASN A 296 -36.93 39.61 2.25
C ASN A 296 -35.79 38.60 2.11
N LEU A 297 -35.97 37.38 2.62
CA LEU A 297 -34.97 36.34 2.45
C LEU A 297 -34.72 36.05 0.97
N VAL A 298 -35.80 35.72 0.25
CA VAL A 298 -35.68 35.36 -1.15
C VAL A 298 -35.25 36.56 -1.98
N PHE A 299 -35.63 37.78 -1.55
CA PHE A 299 -35.25 38.99 -2.27
C PHE A 299 -33.74 39.16 -2.30
N ASP A 300 -33.10 39.11 -1.13
CA ASP A 300 -31.63 39.14 -1.08
C ASP A 300 -31.02 38.02 -1.90
N HIS A 301 -31.57 36.80 -1.74
CA HIS A 301 -31.03 35.64 -2.42
C HIS A 301 -31.04 35.81 -3.94
N LEU A 302 -32.02 36.55 -4.46
CA LEU A 302 -32.11 36.75 -5.91
C LEU A 302 -30.90 37.52 -6.43
N VAL A 303 -30.51 38.58 -5.73
CA VAL A 303 -29.33 39.35 -6.11
C VAL A 303 -28.07 38.52 -5.94
N ASN A 304 -27.96 37.82 -4.81
CA ASN A 304 -26.78 37.01 -4.54
C ASN A 304 -26.61 35.91 -5.58
N LEU A 305 -27.70 35.38 -6.11
CA LEU A 305 -27.61 34.34 -7.14
C LEU A 305 -26.95 34.87 -8.40
N THR A 306 -27.41 36.01 -8.90
CA THR A 306 -27.11 36.38 -10.29
C THR A 306 -26.36 37.70 -10.47
N PRO A 307 -25.20 37.92 -9.82
CA PRO A 307 -24.45 39.08 -10.28
C PRO A 307 -23.55 38.75 -11.48
N ALA A 342 -14.08 38.10 5.69
CA ALA A 342 -14.71 37.18 4.76
C ALA A 342 -15.79 37.89 3.94
N ARG A 343 -15.91 37.52 2.66
CA ARG A 343 -16.87 38.13 1.75
C ARG A 343 -18.06 37.22 1.54
N PRO A 344 -19.21 37.78 1.16
CA PRO A 344 -20.42 36.96 0.98
C PRO A 344 -20.26 35.98 -0.16
N PRO A 345 -21.03 34.90 -0.17
CA PRO A 345 -20.91 33.89 -1.21
C PRO A 345 -21.79 34.21 -2.42
N THR A 346 -21.57 33.45 -3.49
CA THR A 346 -22.25 33.69 -4.75
C THR A 346 -22.32 32.38 -5.52
N HIS A 347 -23.16 32.37 -6.56
CA HIS A 347 -23.19 31.24 -7.52
C HIS A 347 -21.90 31.31 -8.32
N ASP A 348 -20.84 30.76 -7.74
CA ASP A 348 -19.48 31.00 -8.24
C ASP A 348 -19.27 30.39 -9.62
N THR A 349 -19.81 29.18 -9.85
CA THR A 349 -19.58 28.50 -11.13
C THR A 349 -20.17 29.29 -12.30
N ASN A 350 -21.39 29.81 -12.13
CA ASN A 350 -22.02 30.56 -13.20
C ASN A 350 -21.26 31.85 -13.51
N ARG A 351 -20.76 32.52 -12.46
CA ARG A 351 -19.93 33.70 -12.68
C ARG A 351 -18.64 33.33 -13.40
N SER A 352 -18.01 32.23 -12.98
CA SER A 352 -16.74 31.83 -13.59
C SER A 352 -16.93 31.43 -15.04
N ILE A 353 -18.09 30.87 -15.38
CA ILE A 353 -18.33 30.40 -16.75
C ILE A 353 -18.49 31.58 -17.70
N VAL A 354 -19.32 32.56 -17.32
CA VAL A 354 -19.63 33.66 -18.23
C VAL A 354 -18.41 34.54 -18.48
N ASN A 355 -17.67 34.88 -17.42
CA ASN A 355 -16.53 35.79 -17.53
C ASN A 355 -15.48 35.29 -18.49
N SER A 356 -15.41 33.97 -18.71
CA SER A 356 -14.40 33.32 -19.54
C SER A 356 -14.23 33.97 -20.91
N ARG A 357 -15.27 34.65 -21.40
CA ARG A 357 -15.30 35.31 -22.70
C ARG A 357 -15.06 34.32 -23.84
N ILE A 358 -15.28 33.02 -23.59
CA ILE A 358 -15.27 32.03 -24.66
C ILE A 358 -16.55 32.19 -25.45
N ALA A 359 -16.48 32.86 -26.59
CA ALA A 359 -17.66 33.13 -27.40
C ALA A 359 -18.50 31.89 -27.72
N PRO A 360 -17.92 30.75 -28.12
CA PRO A 360 -18.78 29.58 -28.38
C PRO A 360 -19.41 28.98 -27.15
N LEU A 361 -18.86 29.21 -25.96
CA LEU A 361 -19.45 28.65 -24.74
C LEU A 361 -20.63 29.45 -24.26
N VAL A 362 -20.50 30.78 -24.24
CA VAL A 362 -21.54 31.64 -23.67
C VAL A 362 -22.85 31.48 -24.42
N ASP A 363 -22.79 31.23 -25.72
CA ASP A 363 -24.01 31.02 -26.50
C ASP A 363 -24.74 29.76 -26.06
N TRP A 364 -24.00 28.70 -25.74
CA TRP A 364 -24.62 27.47 -25.28
C TRP A 364 -25.24 27.64 -23.90
N TRP A 365 -24.65 28.48 -23.05
CA TRP A 365 -25.08 28.56 -21.65
C TRP A 365 -26.50 29.10 -21.52
N LYS A 366 -26.85 30.10 -22.33
CA LYS A 366 -28.19 30.67 -22.25
C LYS A 366 -29.21 29.80 -22.98
N THR A 367 -28.82 29.18 -24.10
CA THR A 367 -29.74 28.38 -24.88
C THR A 367 -30.02 27.01 -24.27
N ALA A 368 -29.09 26.48 -23.47
CA ALA A 368 -29.29 25.17 -22.88
C ALA A 368 -30.21 25.24 -21.68
N SER A 369 -31.00 24.18 -21.50
CA SER A 369 -31.85 24.07 -20.33
C SER A 369 -31.02 23.91 -19.06
N ALA A 370 -31.63 24.22 -17.92
CA ALA A 370 -30.92 24.09 -16.64
C ALA A 370 -30.41 22.67 -16.44
N LEU A 371 -31.19 21.67 -16.84
CA LEU A 371 -30.74 20.29 -16.76
C LEU A 371 -29.63 20.00 -17.77
N GLU A 372 -29.72 20.60 -18.96
CA GLU A 372 -28.69 20.39 -19.99
C GLU A 372 -27.36 20.98 -19.56
N GLN A 373 -27.36 22.24 -19.10
CA GLN A 373 -26.12 22.86 -18.65
C GLN A 373 -25.60 22.23 -17.36
N HIS A 374 -26.44 21.48 -16.64
CA HIS A 374 -25.94 20.72 -15.51
C HIS A 374 -24.95 19.66 -15.96
N ALA A 375 -25.19 19.05 -17.12
CA ALA A 375 -24.25 18.07 -17.65
C ALA A 375 -22.94 18.73 -18.09
N MSE A 376 -23.03 19.97 -18.57
CA MSE A 376 -21.83 20.72 -18.95
C MSE A 376 -20.91 20.92 -17.75
O MSE A 376 -19.69 20.93 -17.89
CB MSE A 376 -22.23 22.07 -19.54
CG MSE A 376 -21.07 22.96 -19.93
SE MSE A 376 -19.90 22.16 -21.28
CE MSE A 376 -18.89 23.75 -21.76
N VAL A 377 -21.51 21.07 -16.57
CA VAL A 377 -20.72 21.22 -15.34
C VAL A 377 -19.99 19.92 -15.03
N LYS A 378 -20.68 18.79 -15.13
CA LYS A 378 -20.05 17.49 -14.85
C LYS A 378 -18.93 17.20 -15.84
N ALA A 379 -19.11 17.59 -17.11
CA ALA A 379 -18.10 17.28 -18.11
C ALA A 379 -16.83 18.11 -17.92
N LEU A 380 -16.99 19.37 -17.49
CA LEU A 380 -15.84 20.24 -17.33
C LEU A 380 -15.07 19.97 -16.06
N SER A 381 -15.75 19.56 -14.99
CA SER A 381 -15.06 19.27 -13.74
C SER A 381 -14.16 18.05 -13.89
N ASN A 382 -13.01 18.09 -13.23
CA ASN A 382 -12.03 17.02 -13.31
C ASN A 382 -12.36 15.84 -12.42
N ALA A 383 -13.55 15.81 -11.82
CA ALA A 383 -13.89 14.77 -10.86
C ALA A 383 -15.08 13.92 -11.30
N GLU A 384 -15.56 14.08 -12.53
CA GLU A 384 -16.75 13.37 -12.99
C GLU A 384 -16.48 12.64 -14.29
N VAL A 385 -17.22 11.55 -14.50
CA VAL A 385 -17.06 10.71 -15.69
C VAL A 385 -17.99 11.23 -16.78
N ASP A 386 -17.44 11.40 -17.97
CA ASP A 386 -18.26 11.68 -19.14
C ASP A 386 -19.00 10.42 -19.57
N ASP A 387 -20.27 10.56 -19.94
CA ASP A 387 -21.18 9.43 -20.05
C ASP A 387 -21.43 8.97 -21.49
N PHE A 388 -21.82 9.89 -22.37
CA PHE A 388 -22.23 9.57 -23.75
C PHE A 388 -23.45 8.65 -23.80
N ASP A 389 -24.21 8.58 -22.70
CA ASP A 389 -25.38 7.71 -22.64
C ASP A 389 -26.67 8.50 -22.60
N SER A 390 -26.80 9.42 -21.64
CA SER A 390 -27.97 10.28 -21.59
C SER A 390 -27.95 11.23 -22.78
N PRO A 391 -29.11 11.73 -23.21
CA PRO A 391 -29.12 12.69 -24.31
C PRO A 391 -28.41 13.99 -23.97
N GLU A 392 -28.53 14.45 -22.73
CA GLU A 392 -27.89 15.69 -22.31
C GLU A 392 -26.39 15.65 -22.55
N GLY A 393 -25.71 14.72 -21.87
CA GLY A 393 -24.28 14.59 -22.03
C GLY A 393 -23.85 14.33 -23.46
N ALA A 394 -24.66 13.56 -24.20
CA ALA A 394 -24.35 13.34 -25.61
C ALA A 394 -24.37 14.64 -26.39
N LYS A 395 -25.27 15.55 -26.04
CA LYS A 395 -25.28 16.86 -26.68
C LYS A 395 -24.04 17.66 -26.30
N VAL A 396 -23.68 17.64 -25.01
CA VAL A 396 -22.45 18.31 -24.58
C VAL A 396 -21.24 17.68 -25.26
N GLN A 397 -21.25 16.34 -25.36
CA GLN A 397 -20.14 15.64 -26.00
C GLN A 397 -20.10 15.95 -27.49
N ALA A 398 -21.27 16.02 -28.13
CA ALA A 398 -21.31 16.39 -29.55
C ALA A 398 -20.82 17.82 -29.75
N PHE A 399 -21.14 18.72 -28.82
CA PHE A 399 -20.56 20.06 -28.87
C PHE A 399 -19.04 20.02 -28.71
N PHE A 400 -18.51 18.99 -28.03
CA PHE A 400 -17.07 18.90 -27.79
C PHE A 400 -16.29 18.42 -29.00
N ALA A 401 -16.91 18.33 -30.18
CA ALA A 401 -16.21 17.94 -31.39
C ALA A 401 -16.07 19.08 -32.39
N ASP A 402 -17.08 19.95 -32.46
CA ASP A 402 -17.14 21.02 -33.45
C ASP A 402 -16.32 22.25 -33.10
N LEU A 403 -15.90 22.42 -31.85
CA LEU A 403 -15.18 23.64 -31.47
C LEU A 403 -13.85 23.72 -32.20
N ASP A 404 -13.42 24.95 -32.47
CA ASP A 404 -12.17 25.21 -33.17
C ASP A 404 -10.97 24.73 -32.35
N ASP A 405 -9.84 24.55 -33.05
CA ASP A 405 -8.60 24.15 -32.40
C ASP A 405 -8.10 25.19 -31.42
N ASP A 406 -8.48 26.46 -31.60
CA ASP A 406 -8.12 27.51 -30.66
C ASP A 406 -8.98 27.50 -29.40
N VAL A 407 -10.16 26.87 -29.47
CA VAL A 407 -11.08 26.88 -28.33
C VAL A 407 -10.59 25.95 -27.23
N HIS A 408 -9.99 24.81 -27.61
CA HIS A 408 -9.70 23.75 -26.65
C HIS A 408 -8.77 24.24 -25.54
N ALA A 409 -7.67 24.90 -25.89
CA ALA A 409 -6.73 25.38 -24.88
C ALA A 409 -7.38 26.40 -23.95
N LYS A 410 -8.34 27.17 -24.46
CA LYS A 410 -9.03 28.14 -23.61
C LYS A 410 -9.88 27.45 -22.55
N LEU A 411 -10.39 26.25 -22.84
CA LEU A 411 -11.18 25.53 -21.86
C LEU A 411 -10.36 25.14 -20.64
N ASP A 412 -9.09 24.77 -20.85
CA ASP A 412 -8.26 24.32 -19.75
C ASP A 412 -7.86 25.48 -18.84
N SER A 413 -7.83 26.71 -19.38
CA SER A 413 -7.57 27.88 -18.54
C SER A 413 -8.70 28.12 -17.55
N LEU A 414 -9.93 27.79 -17.93
CA LEU A 414 -11.07 27.93 -17.04
C LEU A 414 -10.95 26.98 -15.86
N HIS A 415 -11.24 27.50 -14.66
CA HIS A 415 -11.14 26.74 -13.42
C HIS A 415 -12.46 26.84 -12.67
N LEU A 416 -13.13 25.70 -12.51
CA LEU A 416 -14.35 25.59 -11.73
C LEU A 416 -14.03 25.22 -10.29
N PRO A 417 -14.87 25.62 -9.34
CA PRO A 417 -14.65 25.24 -7.94
C PRO A 417 -14.63 23.72 -7.77
N VAL A 418 -13.80 23.25 -6.84
CA VAL A 418 -13.60 21.83 -6.61
C VAL A 418 -13.90 21.53 -5.14
N GLY A 419 -14.46 20.37 -4.89
CA GLY A 419 -14.74 19.93 -3.53
C GLY A 419 -15.97 19.04 -3.49
N ARG A 420 -16.44 18.79 -2.27
CA ARG A 420 -17.63 17.99 -2.03
C ARG A 420 -18.38 18.56 -0.85
N ALA A 421 -19.70 18.46 -0.91
CA ALA A 421 -20.55 18.89 0.20
C ALA A 421 -20.81 17.72 1.14
N ALA A 422 -21.41 18.02 2.28
CA ALA A 422 -21.67 16.99 3.29
C ALA A 422 -22.86 16.11 2.91
N TYR A 423 -23.93 16.72 2.41
CA TYR A 423 -25.14 16.00 2.04
C TYR A 423 -25.12 15.73 0.52
N SER A 424 -26.28 15.38 -0.05
CA SER A 424 -26.38 14.96 -1.44
C SER A 424 -27.35 15.85 -2.21
N GLU A 425 -27.20 15.82 -3.54
CA GLU A 425 -27.94 16.70 -4.44
C GLU A 425 -29.42 16.84 -4.08
N ASP A 426 -30.12 15.71 -3.93
CA ASP A 426 -31.53 15.77 -3.60
C ASP A 426 -31.76 16.37 -2.22
N THR A 427 -30.92 16.02 -1.25
CA THR A 427 -31.01 16.67 0.06
C THR A 427 -30.53 18.12 0.01
N LEU A 428 -29.64 18.44 -0.92
CA LEU A 428 -29.20 19.83 -1.09
C LEU A 428 -30.32 20.70 -1.64
N VAL A 429 -31.05 20.19 -2.63
CA VAL A 429 -32.17 20.95 -3.21
C VAL A 429 -33.35 21.00 -2.26
N ARG A 430 -33.65 19.89 -1.59
CA ARG A 430 -34.85 19.82 -0.75
C ARG A 430 -34.77 20.80 0.43
N LEU A 431 -33.58 21.02 0.97
CA LEU A 431 -33.49 21.89 2.13
C LEU A 431 -33.55 23.37 1.74
N THR A 432 -33.05 23.73 0.55
CA THR A 432 -33.23 25.10 0.08
C THR A 432 -34.71 25.41 -0.15
N ARG A 433 -35.45 24.45 -0.70
CA ARG A 433 -36.88 24.63 -0.89
C ARG A 433 -37.58 24.85 0.45
N ARG A 434 -37.24 24.03 1.45
CA ARG A 434 -37.76 24.25 2.79
C ARG A 434 -37.15 25.48 3.44
N MSE A 435 -35.95 25.88 3.03
CA MSE A 435 -35.31 27.07 3.57
C MSE A 435 -36.02 28.32 3.10
O MSE A 435 -36.18 29.28 3.86
CB MSE A 435 -33.84 27.13 3.17
CG MSE A 435 -32.92 27.69 4.24
SE MSE A 435 -31.35 26.56 4.48
CE MSE A 435 -30.41 27.62 5.81
N LEU A 436 -36.46 28.30 1.84
CA LEU A 436 -37.18 29.44 1.28
C LEU A 436 -38.48 29.70 2.04
N SER A 437 -39.23 28.64 2.37
CA SER A 437 -40.52 28.78 3.01
C SER A 437 -40.42 29.06 4.51
N ASP A 438 -39.23 29.03 5.10
CA ASP A 438 -39.01 29.46 6.47
C ASP A 438 -38.10 30.68 6.48
N GLY A 439 -37.82 31.19 7.68
CA GLY A 439 -36.95 32.34 7.85
C GLY A 439 -35.49 32.05 7.53
N TYR A 443 -30.00 24.20 10.18
CA TYR A 443 -30.32 23.70 11.51
C TYR A 443 -31.82 23.82 11.76
N THR A 444 -32.24 24.99 12.22
CA THR A 444 -33.67 25.29 12.33
C THR A 444 -34.37 25.05 11.00
N ALA A 445 -33.77 25.53 9.90
CA ALA A 445 -34.32 25.24 8.58
C ALA A 445 -34.15 23.77 8.23
N ARG A 446 -33.09 23.14 8.75
CA ARG A 446 -32.77 21.78 8.36
C ARG A 446 -33.58 20.73 9.10
N LEU A 447 -34.07 21.05 10.31
CA LEU A 447 -34.61 20.03 11.20
C LEU A 447 -35.84 19.35 10.60
N GLN A 448 -36.82 20.15 10.17
CA GLN A 448 -38.14 19.60 9.83
C GLN A 448 -38.11 18.67 8.62
N GLU A 449 -37.06 18.74 7.80
CA GLU A 449 -37.10 18.02 6.53
C GLU A 449 -37.10 16.51 6.71
N PHE A 450 -36.37 16.00 7.70
CA PHE A 450 -36.14 14.57 7.82
C PHE A 450 -36.81 13.92 9.01
N GLY A 451 -37.52 14.67 9.84
CA GLY A 451 -38.03 14.10 11.08
C GLY A 451 -36.91 13.57 11.96
N ILE A 452 -35.78 14.27 11.99
CA ILE A 452 -34.60 13.87 12.75
C ILE A 452 -34.68 14.51 14.12
N GLU A 453 -34.68 13.68 15.16
CA GLU A 453 -34.69 14.21 16.52
C GLU A 453 -33.49 15.12 16.73
N PRO A 454 -33.68 16.32 17.27
CA PRO A 454 -32.62 17.34 17.28
C PRO A 454 -31.25 16.87 17.77
N SER A 455 -31.22 15.92 18.70
CA SER A 455 -29.94 15.40 19.19
C SER A 455 -29.20 14.58 18.14
N TRP A 456 -29.77 14.41 16.94
CA TRP A 456 -29.22 13.50 15.95
C TRP A 456 -27.79 13.88 15.55
N THR A 457 -26.91 12.90 15.61
CA THR A 457 -25.59 12.91 15.01
C THR A 457 -25.52 11.81 13.94
N PRO A 458 -24.78 12.02 12.86
CA PRO A 458 -24.67 10.97 11.83
C PRO A 458 -24.04 9.72 12.43
N PRO A 459 -24.61 8.53 12.14
CA PRO A 459 -24.08 7.31 12.76
C PRO A 459 -22.66 6.98 12.32
N THR A 460 -22.07 5.99 12.96
CA THR A 460 -20.73 5.50 12.68
C THR A 460 -20.80 4.07 12.16
N PRO A 461 -19.80 3.61 11.42
CA PRO A 461 -19.78 2.22 10.98
C PRO A 461 -19.38 1.29 12.12
N ARG A 462 -19.34 -0.01 11.82
CA ARG A 462 -18.85 -0.97 12.80
C ARG A 462 -17.42 -0.61 13.20
N ILE A 463 -17.01 -1.08 14.38
CA ILE A 463 -15.71 -0.72 14.92
C ILE A 463 -14.59 -1.12 13.96
N GLY A 464 -14.66 -2.33 13.44
CA GLY A 464 -13.64 -2.84 12.55
C GLY A 464 -13.66 -2.28 11.14
N GLU A 465 -14.58 -1.38 10.83
CA GLU A 465 -14.66 -0.81 9.49
C GLU A 465 -13.38 -0.05 9.16
N PRO A 466 -12.67 -0.42 8.09
CA PRO A 466 -11.44 0.30 7.75
C PRO A 466 -11.70 1.73 7.36
N VAL A 467 -10.71 2.58 7.59
CA VAL A 467 -10.85 4.02 7.35
C VAL A 467 -9.90 4.55 6.29
N GLY A 468 -8.95 3.74 5.81
CA GLY A 468 -8.01 4.14 4.77
C GLY A 468 -6.58 4.19 5.24
N ASN A 469 -6.34 4.55 6.49
CA ASN A 469 -4.99 4.56 7.04
C ASN A 469 -4.62 3.15 7.47
N PRO A 470 -3.57 2.56 6.91
CA PRO A 470 -3.23 1.17 7.28
C PRO A 470 -2.88 1.01 8.75
N ALA A 471 -2.18 1.99 9.33
CA ALA A 471 -1.84 1.91 10.75
C ALA A 471 -3.07 1.99 11.62
N VAL A 472 -4.01 2.88 11.27
CA VAL A 472 -5.24 3.00 12.04
C VAL A 472 -6.11 1.75 11.87
N ASP A 473 -6.21 1.24 10.64
CA ASP A 473 -7.03 0.06 10.39
C ASP A 473 -6.52 -1.16 11.15
N ARG A 474 -5.22 -1.20 11.45
CA ARG A 474 -4.69 -2.28 12.28
C ARG A 474 -5.31 -2.24 13.67
N VAL A 475 -5.35 -1.06 14.28
CA VAL A 475 -5.89 -0.93 15.64
C VAL A 475 -7.39 -1.16 15.64
N LEU A 476 -8.10 -0.52 14.71
CA LEU A 476 -9.56 -0.63 14.68
C LEU A 476 -10.01 -2.08 14.57
N LYS A 477 -9.42 -2.82 13.62
CA LYS A 477 -9.83 -4.21 13.44
C LYS A 477 -9.46 -5.04 14.66
N THR A 478 -8.35 -4.71 15.32
CA THR A 478 -7.93 -5.45 16.50
C THR A 478 -8.87 -5.20 17.68
N VAL A 479 -9.20 -3.93 17.93
CA VAL A 479 -10.08 -3.59 19.06
C VAL A 479 -11.46 -4.23 18.86
N SER A 480 -11.97 -4.22 17.62
CA SER A 480 -13.26 -4.85 17.35
C SER A 480 -13.20 -6.35 17.64
N ARG A 481 -12.12 -7.02 17.24
CA ARG A 481 -12.02 -8.46 17.46
C ARG A 481 -11.97 -8.78 18.95
N TRP A 482 -11.25 -7.98 19.73
CA TRP A 482 -11.07 -8.27 21.15
C TRP A 482 -12.35 -8.03 21.93
N LEU A 483 -13.02 -6.90 21.66
CA LEU A 483 -14.28 -6.61 22.34
C LEU A 483 -15.33 -7.66 21.99
N GLU A 484 -15.37 -8.09 20.74
CA GLU A 484 -16.34 -9.11 20.35
C GLU A 484 -16.06 -10.43 21.08
N SER A 485 -14.79 -10.81 21.19
CA SER A 485 -14.47 -11.99 21.99
C SER A 485 -14.74 -11.74 23.48
N ALA A 486 -14.55 -10.50 23.95
CA ALA A 486 -14.81 -10.19 25.34
C ALA A 486 -16.32 -10.15 25.62
N THR A 487 -17.09 -9.59 24.70
CA THR A 487 -18.53 -9.51 24.88
C THR A 487 -19.17 -10.89 24.86
N LYS A 488 -18.78 -11.73 23.91
CA LYS A 488 -19.36 -13.06 23.81
C LYS A 488 -18.91 -14.00 24.92
N THR A 489 -18.13 -13.51 25.90
CA THR A 489 -17.65 -14.31 27.02
C THR A 489 -18.17 -13.80 28.36
N TRP A 490 -18.01 -12.50 28.65
CA TRP A 490 -18.46 -11.92 29.91
C TRP A 490 -19.52 -10.85 29.71
N GLY A 491 -20.20 -10.87 28.57
CA GLY A 491 -21.19 -9.85 28.26
C GLY A 491 -20.56 -8.50 28.00
N ALA A 492 -21.42 -7.49 27.92
CA ALA A 492 -20.97 -6.13 27.73
C ALA A 492 -20.26 -5.63 28.99
N PRO A 493 -19.35 -4.68 28.85
CA PRO A 493 -18.71 -4.07 30.01
C PRO A 493 -19.49 -2.87 30.53
N GLU A 494 -19.11 -2.42 31.72
CA GLU A 494 -19.72 -1.25 32.34
C GLU A 494 -19.10 0.05 31.85
N ARG A 495 -17.78 0.08 31.66
CA ARG A 495 -17.08 1.26 31.21
C ARG A 495 -15.96 0.86 30.25
N VAL A 496 -15.81 1.65 29.19
CA VAL A 496 -14.67 1.54 28.28
C VAL A 496 -13.98 2.89 28.27
N ILE A 497 -12.73 2.93 28.71
CA ILE A 497 -11.94 4.15 28.76
C ILE A 497 -10.75 4.00 27.82
N ILE A 498 -10.55 4.99 26.96
CA ILE A 498 -9.51 4.96 25.94
C ILE A 498 -8.55 6.12 26.20
N GLU A 499 -7.27 5.91 25.91
CA GLU A 499 -6.22 6.86 26.24
C GLU A 499 -5.26 7.05 25.07
N HIS A 500 -4.60 8.20 25.04
CA HIS A 500 -3.66 8.58 23.98
C HIS A 500 -4.33 8.58 22.61
N SER A 510 -2.58 13.40 15.59
CA SER A 510 -2.62 12.58 14.39
C SER A 510 -3.09 11.17 14.72
N VAL A 511 -2.51 10.58 15.77
CA VAL A 511 -2.99 9.28 16.23
C VAL A 511 -4.22 9.42 17.12
N ALA A 512 -4.47 10.61 17.68
CA ALA A 512 -5.67 10.84 18.47
C ALA A 512 -6.95 10.67 17.66
N TRP A 513 -6.86 10.75 16.33
CA TRP A 513 -8.01 10.47 15.49
C TRP A 513 -8.54 9.06 15.75
N MSE A 514 -7.63 8.09 15.89
CA MSE A 514 -8.00 6.74 16.30
C MSE A 514 -8.87 6.77 17.55
O MSE A 514 -10.00 6.28 17.55
CB MSE A 514 -6.77 5.88 16.62
CG MSE A 514 -5.82 5.57 15.49
SE MSE A 514 -4.48 4.32 16.15
CE MSE A 514 -3.18 4.40 14.71
N ALA A 515 -8.32 7.38 18.61
CA ALA A 515 -8.98 7.37 19.91
C ALA A 515 -10.35 8.03 19.84
N ASN A 516 -10.48 9.11 19.06
CA ASN A 516 -11.78 9.75 18.90
C ASN A 516 -12.73 8.84 18.13
N GLU A 517 -12.29 8.31 16.99
CA GLU A 517 -13.12 7.40 16.22
C GLU A 517 -13.47 6.15 17.01
N LEU A 518 -12.57 5.67 17.86
CA LEU A 518 -12.89 4.51 18.69
C LEU A 518 -14.08 4.82 19.60
N ARG A 519 -14.00 5.92 20.36
CA ARG A 519 -15.06 6.27 21.29
C ARG A 519 -16.40 6.36 20.56
N SER A 520 -16.43 7.07 19.43
CA SER A 520 -17.67 7.21 18.67
C SER A 520 -18.16 5.85 18.18
N ARG A 521 -17.27 5.06 17.57
CA ARG A 521 -17.67 3.74 17.08
C ARG A 521 -18.06 2.82 18.22
N VAL A 522 -17.33 2.87 19.34
CA VAL A 522 -17.64 1.99 20.45
C VAL A 522 -18.93 2.42 21.15
N ALA A 523 -19.13 3.73 21.31
CA ALA A 523 -20.32 4.22 22.02
C ALA A 523 -21.60 3.78 21.32
N GLN A 524 -21.66 3.93 19.98
CA GLN A 524 -22.82 3.47 19.24
C GLN A 524 -22.96 1.96 19.32
N HIS A 525 -21.84 1.23 19.30
CA HIS A 525 -21.89 -0.23 19.33
C HIS A 525 -22.50 -0.74 20.63
N PHE A 526 -22.19 -0.08 21.75
CA PHE A 526 -22.66 -0.49 23.07
C PHE A 526 -23.77 0.42 23.59
N ALA A 527 -24.46 1.16 22.72
CA ALA A 527 -25.50 2.08 23.17
C ALA A 527 -26.66 1.35 23.82
N SER A 528 -26.97 0.15 23.31
CA SER A 528 -28.09 -0.63 23.84
C SER A 528 -27.90 -0.99 25.30
N HIS A 529 -26.67 -1.29 25.70
CA HIS A 529 -26.38 -1.80 27.04
C HIS A 529 -26.03 -0.69 28.03
N GLY A 530 -26.08 0.57 27.60
CA GLY A 530 -25.79 1.69 28.48
C GLY A 530 -24.39 1.63 29.07
N THR A 531 -23.38 1.71 28.22
CA THR A 531 -21.99 1.68 28.64
C THR A 531 -21.37 3.04 28.39
N THR A 532 -20.67 3.56 29.41
CA THR A 532 -20.00 4.85 29.28
C THR A 532 -18.67 4.67 28.58
N VAL A 533 -18.39 5.56 27.63
CA VAL A 533 -17.14 5.55 26.87
C VAL A 533 -16.50 6.93 27.01
N ARG A 534 -15.21 6.96 27.32
CA ARG A 534 -14.50 8.21 27.56
C ARG A 534 -13.11 8.14 26.94
N VAL A 535 -12.64 9.29 26.47
CA VAL A 535 -11.27 9.46 25.97
C VAL A 535 -10.58 10.47 26.87
N TYR A 536 -9.26 10.35 26.95
CA TYR A 536 -8.45 11.26 27.76
C TYR A 536 -7.13 11.54 27.05
N ARG A 537 -6.60 12.74 27.28
CA ARG A 537 -5.34 13.14 26.67
C ARG A 537 -4.19 12.32 27.24
N GLY A 538 -3.16 12.13 26.40
CA GLY A 538 -2.04 11.30 26.81
C GLY A 538 -1.28 11.86 28.00
N SER A 539 -1.10 13.19 28.05
CA SER A 539 -0.41 13.80 29.17
C SER A 539 -1.20 13.60 30.46
N LEU A 540 -2.50 13.88 30.43
CA LEU A 540 -3.34 13.62 31.60
C LEU A 540 -3.34 12.14 31.95
N THR A 541 -3.19 11.27 30.94
CA THR A 541 -3.24 9.83 31.18
C THR A 541 -2.12 9.37 32.09
N ALA A 542 -0.90 9.85 31.85
CA ALA A 542 0.27 9.28 32.51
C ALA A 542 0.31 9.57 34.01
N GLU A 543 -0.22 10.71 34.44
CA GLU A 543 -0.17 11.10 35.85
C GLU A 543 -0.82 10.07 36.77
N GLY A 552 4.10 3.61 39.29
CA GLY A 552 3.72 2.93 40.52
C GLY A 552 4.89 2.26 41.23
N LYS A 553 4.61 1.11 41.84
CA LYS A 553 5.64 0.34 42.54
C LYS A 553 5.80 -1.06 41.96
N LEU A 554 5.40 -1.25 40.71
CA LEU A 554 5.45 -2.55 40.07
C LEU A 554 6.87 -2.89 39.64
N LYS A 555 7.15 -4.19 39.55
CA LYS A 555 8.46 -4.69 39.15
C LYS A 555 8.39 -5.19 37.70
N PHE A 556 9.14 -4.53 36.82
CA PHE A 556 9.20 -4.86 35.41
C PHE A 556 10.54 -5.54 35.10
N PHE A 557 10.97 -5.46 33.83
CA PHE A 557 12.24 -6.06 33.44
C PHE A 557 13.41 -5.12 33.76
N ASP A 558 13.34 -3.88 33.28
CA ASP A 558 14.45 -2.94 33.42
C ASP A 558 14.40 -2.15 34.71
N GLY A 559 13.21 -1.78 35.18
CA GLY A 559 13.10 -0.96 36.37
C GLY A 559 11.86 -1.20 37.20
N VAL A 560 11.54 -0.26 38.08
CA VAL A 560 10.42 -0.36 39.00
C VAL A 560 9.44 0.76 38.69
N GLY A 561 8.14 0.43 38.67
CA GLY A 561 7.11 1.42 38.43
C GLY A 561 6.89 1.75 36.97
N LYS A 562 7.91 2.32 36.32
CA LYS A 562 7.85 2.68 34.91
C LYS A 562 8.84 1.85 34.12
N SER A 563 8.54 1.66 32.83
CA SER A 563 9.39 0.87 31.95
C SER A 563 9.02 1.17 30.50
N ARG A 564 10.05 1.31 29.67
CA ARG A 564 9.89 1.37 28.22
C ARG A 564 10.39 0.14 27.51
N LEU A 565 11.19 -0.70 28.18
CA LEU A 565 11.70 -1.92 27.58
C LEU A 565 10.67 -3.04 27.65
N ASP A 566 10.01 -3.19 28.78
CA ASP A 566 9.05 -4.27 28.98
C ASP A 566 7.76 -3.97 28.24
N ARG A 567 7.42 -4.83 27.28
CA ARG A 567 6.21 -4.62 26.47
C ARG A 567 4.94 -4.94 27.24
N ARG A 568 5.03 -5.59 28.40
CA ARG A 568 3.85 -5.85 29.20
C ARG A 568 3.25 -4.59 29.82
N HIS A 569 4.00 -3.48 29.86
CA HIS A 569 3.49 -2.28 30.48
C HIS A 569 2.34 -1.66 29.69
N HIS A 570 2.19 -2.02 28.41
CA HIS A 570 1.08 -1.50 27.62
C HIS A 570 -0.26 -2.00 28.18
N ALA A 571 -0.33 -3.28 28.53
CA ALA A 571 -1.55 -3.82 29.13
C ALA A 571 -1.73 -3.31 30.54
N ILE A 572 -0.64 -3.09 31.27
CA ILE A 572 -0.73 -2.57 32.62
C ILE A 572 -1.26 -1.15 32.61
N ASP A 573 -0.73 -0.30 31.72
CA ASP A 573 -1.25 1.06 31.57
C ASP A 573 -2.72 1.04 31.19
N ALA A 574 -3.12 0.08 30.34
CA ALA A 574 -4.53 -0.03 29.98
C ALA A 574 -5.38 -0.43 31.18
N ALA A 575 -4.81 -1.18 32.13
CA ALA A 575 -5.57 -1.59 33.30
C ALA A 575 -5.89 -0.41 34.20
N VAL A 576 -4.90 0.46 34.42
CA VAL A 576 -5.12 1.67 35.21
C VAL A 576 -6.16 2.55 34.53
N ILE A 577 -6.16 2.58 33.20
CA ILE A 577 -7.06 3.45 32.45
C ILE A 577 -8.51 3.04 32.64
N ALA A 578 -8.78 1.74 32.86
CA ALA A 578 -10.14 1.28 33.07
C ALA A 578 -10.75 1.80 34.37
N PHE A 579 -9.97 2.45 35.22
CA PHE A 579 -10.45 2.95 36.51
C PHE A 579 -10.09 4.42 36.70
N THR A 580 -10.43 5.24 35.73
CA THR A 580 -10.20 6.69 35.81
C THR A 580 -11.57 7.38 35.83
N SER A 581 -11.99 7.80 37.02
CA SER A 581 -13.25 8.54 37.14
C SER A 581 -13.07 9.94 36.56
N ASP A 582 -14.18 10.49 36.04
CA ASP A 582 -14.11 11.79 35.38
C ASP A 582 -13.77 12.90 36.35
N TYR A 583 -14.16 12.77 37.63
CA TYR A 583 -13.75 13.75 38.63
C TYR A 583 -12.28 13.58 38.97
N VAL A 584 -11.78 12.35 38.93
CA VAL A 584 -10.34 12.12 39.01
C VAL A 584 -9.66 12.65 37.76
N ALA A 585 -10.37 12.65 36.63
CA ALA A 585 -9.77 13.10 35.37
C ALA A 585 -9.35 14.56 35.42
N GLU A 586 -10.12 15.39 36.14
CA GLU A 586 -9.76 16.80 36.26
C GLU A 586 -8.47 16.96 37.06
N THR A 587 -8.41 16.36 38.26
CA THR A 587 -7.25 16.55 39.12
C THR A 587 -5.99 15.91 38.56
N LEU A 588 -6.12 14.80 37.82
CA LEU A 588 -4.96 14.15 37.24
C LEU A 588 -4.24 15.08 36.28
N ALA A 589 -4.98 15.67 35.33
CA ALA A 589 -4.38 16.66 34.45
C ALA A 589 -4.00 17.91 35.22
N VAL A 590 -4.77 18.24 36.27
CA VAL A 590 -4.46 19.42 37.07
C VAL A 590 -3.12 19.27 37.77
N ARG A 591 -2.84 18.07 38.29
CA ARG A 591 -1.61 17.86 39.07
C ARG A 591 -0.35 17.99 38.23
N SER A 592 -0.43 17.84 36.92
CA SER A 592 0.75 17.97 36.06
C SER A 592 1.28 19.39 36.08
N ASP A 614 -14.97 21.32 44.81
CA ASP A 614 -13.86 20.37 44.82
C ASP A 614 -13.91 19.46 46.05
N ALA A 615 -14.93 19.66 46.89
CA ALA A 615 -15.11 18.77 48.03
C ALA A 615 -15.51 17.37 47.58
N GLU A 616 -16.40 17.28 46.59
CA GLU A 616 -16.76 15.99 46.02
C GLU A 616 -15.61 15.41 45.21
N HIS A 617 -14.82 16.28 44.56
CA HIS A 617 -13.62 15.82 43.87
C HIS A 617 -12.65 15.15 44.84
N ARG A 618 -12.62 15.60 46.10
CA ARG A 618 -11.79 14.95 47.10
C ARG A 618 -12.39 13.65 47.59
N ALA A 619 -13.72 13.54 47.61
CA ALA A 619 -14.34 12.27 47.95
C ALA A 619 -13.99 11.19 46.93
N ALA A 620 -13.79 11.58 45.67
CA ALA A 620 -13.45 10.61 44.64
C ALA A 620 -12.05 10.05 44.84
N TRP A 621 -11.09 10.89 45.25
CA TRP A 621 -9.71 10.42 45.37
C TRP A 621 -9.57 9.35 46.43
N ARG A 622 -10.33 9.46 47.53
CA ARG A 622 -10.26 8.45 48.58
C ARG A 622 -10.77 7.11 48.10
N VAL A 623 -11.90 7.11 47.37
CA VAL A 623 -12.40 5.87 46.79
C VAL A 623 -11.44 5.34 45.74
N TRP A 624 -10.84 6.25 44.97
CA TRP A 624 -9.98 5.84 43.86
C TRP A 624 -8.76 5.07 44.36
N CYS A 625 -8.05 5.64 45.34
CA CYS A 625 -6.86 4.97 45.86
C CYS A 625 -7.18 3.62 46.47
N GLN A 626 -8.37 3.48 47.08
CA GLN A 626 -8.79 2.18 47.58
C GLN A 626 -8.92 1.17 46.44
N LYS A 627 -9.37 1.64 45.28
CA LYS A 627 -9.44 0.77 44.11
C LYS A 627 -8.06 0.48 43.53
N MSE A 628 -7.22 1.50 43.46
CA MSE A 628 -5.88 1.37 42.87
C MSE A 628 -5.01 0.44 43.70
O MSE A 628 -4.33 -0.43 43.16
CB MSE A 628 -5.21 2.73 42.74
CG MSE A 628 -5.89 3.64 41.72
SE MSE A 628 -5.98 2.84 39.94
CE MSE A 628 -4.09 2.44 39.70
N GLU A 629 -5.02 0.63 45.02
CA GLU A 629 -4.27 -0.26 45.91
C GLU A 629 -4.80 -1.68 45.83
N LYS A 630 -6.12 -1.83 45.69
CA LYS A 630 -6.68 -3.16 45.45
C LYS A 630 -6.25 -3.70 44.10
N LEU A 631 -6.17 -2.83 43.09
CA LEU A 631 -5.77 -3.28 41.76
C LEU A 631 -4.30 -3.61 41.70
N SER A 632 -3.46 -2.88 42.45
CA SER A 632 -2.02 -3.07 42.36
C SER A 632 -1.63 -4.50 42.71
N ALA A 633 -2.32 -5.12 43.66
CA ALA A 633 -1.97 -6.47 44.08
C ALA A 633 -2.21 -7.49 42.98
N LEU A 634 -3.27 -7.28 42.18
CA LEU A 634 -3.63 -8.25 41.15
C LEU A 634 -2.58 -8.28 40.03
N LEU A 635 -2.08 -7.11 39.64
CA LEU A 635 -1.12 -7.05 38.54
C LEU A 635 0.24 -7.59 38.96
N THR A 636 0.61 -7.43 40.23
CA THR A 636 1.86 -8.00 40.71
C THR A 636 1.87 -9.51 40.59
N GLU A 637 0.77 -10.16 40.96
CA GLU A 637 0.67 -11.61 40.80
C GLU A 637 0.75 -12.00 39.34
N ASP A 638 -0.01 -11.31 38.48
CA ASP A 638 -0.02 -11.63 37.07
C ASP A 638 1.34 -11.36 36.43
N LEU A 639 2.01 -10.28 36.88
CA LEU A 639 3.38 -10.04 36.44
C LEU A 639 4.32 -11.13 36.93
N ARG A 640 4.13 -11.60 38.17
CA ARG A 640 4.99 -12.67 38.67
C ARG A 640 4.68 -13.99 37.98
N ASP A 641 3.40 -14.32 37.84
CA ASP A 641 2.98 -15.53 37.14
C ASP A 641 3.09 -15.39 35.62
N ASP A 642 3.46 -14.21 35.12
CA ASP A 642 3.61 -13.96 33.69
C ASP A 642 2.31 -14.25 32.94
N ARG A 643 1.20 -13.75 33.47
CA ARG A 643 -0.09 -13.88 32.82
C ARG A 643 -0.41 -12.71 31.90
N VAL A 644 0.44 -11.70 31.85
CA VAL A 644 0.29 -10.60 30.91
C VAL A 644 0.74 -11.09 29.54
N VAL A 645 -0.16 -11.06 28.56
CA VAL A 645 0.07 -11.66 27.26
C VAL A 645 0.54 -10.58 26.29
N VAL A 646 1.72 -10.79 25.71
CA VAL A 646 2.23 -9.98 24.61
C VAL A 646 2.11 -10.81 23.35
N MSE A 647 1.31 -10.34 22.39
CA MSE A 647 1.07 -11.12 21.17
C MSE A 647 0.88 -10.25 19.93
O MSE A 647 0.67 -9.04 20.01
CB MSE A 647 -0.15 -12.00 21.34
CG MSE A 647 -1.46 -11.25 21.36
SE MSE A 647 -2.98 -12.45 21.32
CE MSE A 647 -4.39 -11.14 21.01
N SER A 648 0.93 -10.90 18.77
CA SER A 648 0.72 -10.25 17.48
C SER A 648 0.08 -11.25 16.54
N ASN A 649 -0.58 -10.74 15.50
CA ASN A 649 -1.19 -11.59 14.50
C ASN A 649 -0.13 -12.08 13.52
N VAL A 650 -0.49 -13.12 12.78
CA VAL A 650 0.40 -13.70 11.78
C VAL A 650 -0.30 -13.66 10.43
N ARG A 651 0.49 -13.73 9.38
CA ARG A 651 0.03 -13.62 8.00
C ARG A 651 0.27 -14.96 7.31
N LEU A 652 -0.81 -15.66 6.98
CA LEU A 652 -0.72 -16.99 6.41
C LEU A 652 -1.09 -17.05 4.93
N ARG A 653 -1.58 -15.96 4.36
CA ARG A 653 -1.91 -15.97 2.94
C ARG A 653 -0.63 -15.96 2.10
N LEU A 654 -0.78 -16.35 0.84
CA LEU A 654 0.40 -16.54 0.00
C LEU A 654 1.04 -15.22 -0.38
N GLY A 655 0.21 -14.20 -0.64
CA GLY A 655 0.74 -12.92 -1.10
C GLY A 655 1.39 -12.17 0.04
N ASN A 656 2.59 -11.64 -0.21
CA ASN A 656 3.33 -10.93 0.82
C ASN A 656 4.34 -10.04 0.08
N GLY A 657 3.85 -8.91 -0.40
CA GLY A 657 4.69 -7.91 -1.04
C GLY A 657 5.28 -8.39 -2.35
N SER A 658 6.41 -7.76 -2.72
CA SER A 658 7.10 -8.16 -3.93
C SER A 658 7.72 -9.54 -3.74
N ALA A 659 7.60 -10.37 -4.76
CA ALA A 659 7.97 -11.78 -4.64
C ALA A 659 9.44 -12.02 -4.87
N HIS A 660 10.21 -11.02 -5.31
CA HIS A 660 11.63 -11.18 -5.55
C HIS A 660 12.28 -9.80 -5.56
N LYS A 661 13.60 -9.79 -5.53
CA LYS A 661 14.33 -8.53 -5.60
C LYS A 661 14.21 -7.91 -6.98
N GLU A 662 14.40 -6.60 -7.04
CA GLU A 662 14.13 -5.85 -8.26
C GLU A 662 15.33 -5.75 -9.19
N THR A 663 16.53 -5.99 -8.70
CA THR A 663 17.72 -5.87 -9.54
C THR A 663 17.91 -7.15 -10.37
N ILE A 664 18.24 -6.96 -11.64
CA ILE A 664 18.42 -8.06 -12.58
C ILE A 664 19.91 -8.17 -12.91
N GLY A 665 20.44 -9.39 -12.85
CA GLY A 665 21.85 -9.61 -13.12
C GLY A 665 22.07 -10.49 -14.34
N LYS A 666 23.26 -10.43 -14.92
CA LYS A 666 23.56 -11.25 -16.08
C LYS A 666 23.63 -12.72 -15.68
N LEU A 667 23.01 -13.57 -16.49
CA LEU A 667 23.10 -15.00 -16.28
C LEU A 667 24.46 -15.53 -16.72
N SER A 668 24.80 -16.72 -16.25
CA SER A 668 26.05 -17.39 -16.63
C SER A 668 25.73 -18.48 -17.64
N LYS A 669 26.29 -18.35 -18.85
CA LYS A 669 26.05 -19.29 -19.93
C LYS A 669 27.25 -20.20 -20.09
N VAL A 670 27.00 -21.51 -20.09
CA VAL A 670 28.05 -22.52 -20.09
C VAL A 670 27.67 -23.62 -21.08
N LYS A 671 28.65 -24.06 -21.86
CA LYS A 671 28.41 -25.12 -22.83
C LYS A 671 28.01 -26.41 -22.12
N LEU A 672 27.11 -27.17 -22.75
CA LEU A 672 26.58 -28.38 -22.14
C LEU A 672 27.68 -29.42 -21.91
N SER A 673 28.71 -29.43 -22.76
CA SER A 673 29.78 -30.41 -22.67
C SER A 673 30.71 -30.16 -21.49
N SER A 674 30.50 -29.10 -20.72
CA SER A 674 31.38 -28.76 -19.62
C SER A 674 31.15 -29.68 -18.43
N GLN A 675 32.15 -29.74 -17.55
CA GLN A 675 32.02 -30.50 -16.31
C GLN A 675 31.09 -29.75 -15.36
N LEU A 676 30.16 -30.47 -14.73
CA LEU A 676 29.14 -29.86 -13.90
C LEU A 676 29.12 -30.56 -12.54
N SER A 677 29.56 -29.86 -11.50
CA SER A 677 29.48 -30.40 -10.16
C SER A 677 28.03 -30.33 -9.64
N VAL A 678 27.81 -30.92 -8.48
CA VAL A 678 26.49 -30.86 -7.87
C VAL A 678 26.14 -29.41 -7.54
N SER A 679 27.13 -28.62 -7.14
CA SER A 679 26.88 -27.21 -6.88
C SER A 679 26.48 -26.47 -8.15
N ASP A 680 27.12 -26.81 -9.27
CA ASP A 680 26.80 -26.14 -10.53
C ASP A 680 25.41 -26.52 -11.03
N ILE A 681 25.02 -27.79 -10.84
CA ILE A 681 23.72 -28.23 -11.32
C ILE A 681 22.60 -27.56 -10.53
N ASP A 682 22.79 -27.43 -9.21
CA ASP A 682 21.82 -26.75 -8.35
C ASP A 682 21.71 -25.26 -8.66
N LYS A 683 22.52 -24.71 -9.56
CA LYS A 683 22.40 -23.32 -9.98
C LYS A 683 21.70 -23.18 -11.32
N ALA A 684 21.10 -24.26 -11.82
CA ALA A 684 20.39 -24.21 -13.09
C ALA A 684 19.27 -23.19 -13.04
N SER A 685 19.05 -22.50 -14.16
CA SER A 685 18.09 -21.40 -14.24
C SER A 685 16.64 -21.85 -14.36
N SER A 686 16.39 -23.16 -14.48
CA SER A 686 15.02 -23.64 -14.58
C SER A 686 14.94 -25.03 -13.96
N GLU A 687 13.73 -25.41 -13.55
CA GLU A 687 13.54 -26.73 -12.97
C GLU A 687 13.67 -27.82 -14.01
N ALA A 688 13.22 -27.56 -15.24
CA ALA A 688 13.33 -28.56 -16.30
C ALA A 688 14.81 -28.87 -16.59
N LEU A 689 15.66 -27.84 -16.58
CA LEU A 689 17.08 -28.08 -16.78
C LEU A 689 17.66 -28.91 -15.64
N TRP A 690 17.20 -28.65 -14.41
CA TRP A 690 17.67 -29.40 -13.26
C TRP A 690 17.30 -30.87 -13.38
N CYS A 691 16.09 -31.16 -13.84
CA CYS A 691 15.66 -32.55 -13.98
C CYS A 691 16.45 -33.26 -15.08
N ALA A 692 16.71 -32.56 -16.19
CA ALA A 692 17.48 -33.17 -17.26
C ALA A 692 18.91 -33.47 -16.82
N LEU A 693 19.50 -32.58 -16.02
CA LEU A 693 20.87 -32.79 -15.58
C LEU A 693 20.95 -33.88 -14.52
N THR A 694 19.97 -33.92 -13.60
CA THR A 694 20.01 -34.87 -12.51
C THR A 694 19.55 -36.26 -12.93
N ARG A 695 18.80 -36.38 -14.02
CA ARG A 695 18.36 -37.67 -14.52
C ARG A 695 19.32 -38.25 -15.56
N GLU A 696 20.50 -37.67 -15.72
CA GLU A 696 21.47 -38.20 -16.66
C GLU A 696 22.11 -39.46 -16.09
N PRO A 697 22.52 -40.40 -16.95
CA PRO A 697 23.17 -41.62 -16.44
C PRO A 697 24.50 -41.35 -15.77
N GLY A 698 25.30 -40.44 -16.29
CA GLY A 698 26.58 -40.11 -15.70
C GLY A 698 26.51 -39.24 -14.47
N PHE A 699 25.32 -38.90 -14.01
CA PHE A 699 25.19 -38.04 -12.83
C PHE A 699 25.57 -38.81 -11.57
N ASP A 700 26.38 -38.17 -10.73
CA ASP A 700 26.77 -38.72 -9.45
C ASP A 700 26.34 -37.77 -8.34
N PRO A 701 25.70 -38.28 -7.27
CA PRO A 701 25.24 -37.38 -6.20
C PRO A 701 26.34 -36.59 -5.52
N LYS A 702 27.60 -36.94 -5.72
CA LYS A 702 28.72 -36.21 -5.14
C LYS A 702 29.51 -35.43 -6.17
N GLU A 703 29.93 -36.07 -7.26
CA GLU A 703 30.75 -35.42 -8.27
C GLU A 703 29.93 -34.72 -9.35
N GLY A 704 28.63 -34.96 -9.39
CA GLY A 704 27.80 -34.32 -10.40
C GLY A 704 27.99 -34.97 -11.74
N LEU A 705 28.20 -34.14 -12.76
CA LEU A 705 28.37 -34.62 -14.12
C LEU A 705 29.78 -34.35 -14.60
N PRO A 706 30.48 -35.35 -15.11
CA PRO A 706 31.79 -35.11 -15.71
C PRO A 706 31.64 -34.46 -17.07
N ALA A 707 32.73 -33.84 -17.53
CA ALA A 707 32.75 -33.24 -18.86
C ALA A 707 32.48 -34.30 -19.92
N ASN A 708 31.60 -33.99 -20.85
CA ASN A 708 31.19 -34.98 -21.84
C ASN A 708 30.78 -34.29 -23.14
N PRO A 709 31.58 -34.40 -24.21
CA PRO A 709 31.20 -33.78 -25.48
C PRO A 709 30.08 -34.51 -26.22
N GLU A 710 29.54 -35.59 -25.65
CA GLU A 710 28.49 -36.37 -26.30
C GLU A 710 27.25 -36.50 -25.43
N ARG A 711 27.07 -35.59 -24.46
CA ARG A 711 25.87 -35.60 -23.63
C ARG A 711 24.72 -34.93 -24.37
N HIS A 712 23.54 -35.53 -24.25
CA HIS A 712 22.33 -35.03 -24.90
C HIS A 712 21.27 -34.76 -23.83
N ILE A 713 20.58 -33.63 -23.97
CA ILE A 713 19.66 -33.14 -22.95
C ILE A 713 18.43 -32.56 -23.61
N ARG A 714 17.25 -32.95 -23.12
CA ARG A 714 15.97 -32.42 -23.57
C ARG A 714 15.33 -31.62 -22.45
N VAL A 715 14.90 -30.39 -22.77
CA VAL A 715 14.28 -29.49 -21.80
C VAL A 715 12.98 -28.98 -22.42
N ASN A 716 11.85 -29.43 -21.89
CA ASN A 716 10.53 -29.07 -22.39
C ASN A 716 10.44 -29.35 -23.90
N GLY A 717 10.75 -30.59 -24.26
CA GLY A 717 10.74 -31.01 -25.66
C GLY A 717 11.80 -30.40 -26.53
N THR A 718 12.59 -29.46 -26.02
CA THR A 718 13.66 -28.82 -26.78
C THR A 718 14.96 -29.58 -26.54
N HIS A 719 15.52 -30.14 -27.62
CA HIS A 719 16.79 -30.83 -27.52
C HIS A 719 17.94 -29.83 -27.46
N VAL A 720 18.95 -30.14 -26.65
CA VAL A 720 20.13 -29.30 -26.50
C VAL A 720 21.36 -30.18 -26.64
N TYR A 721 22.25 -29.80 -27.54
CA TYR A 721 23.46 -30.57 -27.80
C TYR A 721 24.61 -30.11 -26.91
N ALA A 722 25.71 -30.86 -26.95
CA ALA A 722 26.85 -30.55 -26.10
C ALA A 722 27.55 -29.26 -26.50
N GLY A 723 27.27 -28.74 -27.70
CA GLY A 723 27.85 -27.50 -28.15
C GLY A 723 27.03 -26.26 -27.89
N ASP A 724 25.91 -26.40 -27.17
CA ASP A 724 25.02 -25.29 -26.89
C ASP A 724 25.25 -24.77 -25.48
N ASN A 725 24.93 -23.49 -25.29
CA ASN A 725 25.02 -22.86 -23.98
C ASN A 725 23.78 -23.14 -23.15
N ILE A 726 23.98 -23.32 -21.85
CA ILE A 726 22.88 -23.44 -20.90
C ILE A 726 23.08 -22.39 -19.82
N GLY A 727 21.96 -21.93 -19.24
CA GLY A 727 22.01 -20.86 -18.28
C GLY A 727 22.10 -21.37 -16.86
N LEU A 728 23.07 -20.84 -16.11
CA LEU A 728 23.24 -21.16 -14.70
C LEU A 728 23.30 -19.87 -13.90
N PHE A 729 22.80 -19.93 -12.67
CA PHE A 729 22.86 -18.77 -11.80
C PHE A 729 24.31 -18.55 -11.34
N PRO A 730 24.82 -17.31 -11.43
CA PRO A 730 26.21 -17.06 -11.00
C PRO A 730 26.40 -17.06 -9.50
N VAL A 731 25.32 -17.10 -8.71
CA VAL A 731 25.41 -17.05 -7.27
C VAL A 731 24.71 -18.26 -6.68
N SER A 732 25.07 -18.58 -5.44
CA SER A 732 24.42 -19.68 -4.72
C SER A 732 23.06 -19.30 -4.17
N ALA A 733 22.70 -18.02 -4.22
CA ALA A 733 21.43 -17.59 -3.66
C ALA A 733 20.27 -18.15 -4.48
N GLY A 734 19.13 -18.32 -3.82
CA GLY A 734 17.93 -18.74 -4.53
C GLY A 734 17.46 -17.65 -5.47
N SER A 735 17.18 -18.02 -6.71
CA SER A 735 16.86 -17.04 -7.74
C SER A 735 15.92 -17.65 -8.76
N ILE A 736 15.45 -16.82 -9.69
CA ILE A 736 14.60 -17.24 -10.79
C ILE A 736 15.11 -16.58 -12.06
N ALA A 737 14.99 -17.29 -13.18
CA ALA A 737 15.25 -16.70 -14.48
C ALA A 737 14.16 -15.70 -14.82
N LEU A 738 14.55 -14.48 -15.17
CA LEU A 738 13.57 -13.40 -15.32
C LEU A 738 14.13 -12.35 -16.27
N ARG A 739 13.37 -12.05 -17.33
CA ARG A 739 13.69 -10.96 -18.25
C ARG A 739 15.09 -11.12 -18.83
N GLY A 740 15.37 -12.32 -19.30
CA GLY A 740 16.69 -12.65 -19.87
C GLY A 740 17.77 -12.96 -18.87
N GLY A 741 17.85 -12.19 -17.80
CA GLY A 741 18.83 -12.43 -16.76
C GLY A 741 18.27 -13.22 -15.60
N TYR A 742 18.48 -12.74 -14.39
CA TYR A 742 17.99 -13.41 -13.19
C TYR A 742 17.81 -12.38 -12.10
N ALA A 743 17.13 -12.80 -11.02
CA ALA A 743 16.95 -11.96 -9.85
C ALA A 743 16.86 -12.86 -8.63
N GLU A 744 17.38 -12.36 -7.51
CA GLU A 744 17.39 -13.14 -6.28
C GLU A 744 16.01 -13.10 -5.61
N LEU A 745 15.62 -14.24 -5.04
CA LEU A 745 14.31 -14.34 -4.38
C LEU A 745 14.23 -13.51 -3.11
N GLY A 746 15.35 -13.21 -2.46
CA GLY A 746 15.32 -12.38 -1.28
C GLY A 746 14.72 -13.11 -0.08
N SER A 747 14.17 -12.32 0.85
CA SER A 747 13.55 -12.86 2.06
C SER A 747 12.11 -13.28 1.85
N SER A 748 11.71 -13.59 0.61
CA SER A 748 10.32 -13.88 0.27
C SER A 748 9.95 -15.32 0.65
N PHE A 749 10.07 -15.60 1.95
CA PHE A 749 9.63 -16.88 2.49
C PHE A 749 8.21 -16.73 3.01
N HIS A 750 7.32 -17.62 2.56
CA HIS A 750 5.97 -17.64 3.12
C HIS A 750 5.96 -18.26 4.51
N HIS A 751 6.44 -19.49 4.62
CA HIS A 751 6.52 -20.19 5.89
C HIS A 751 7.75 -21.09 5.89
N ALA A 752 8.03 -21.69 7.04
CA ALA A 752 9.13 -22.63 7.20
C ALA A 752 8.61 -23.90 7.87
N ARG A 753 8.97 -25.05 7.31
CA ARG A 753 8.55 -26.33 7.84
C ARG A 753 9.64 -26.95 8.69
N VAL A 754 9.24 -27.67 9.73
CA VAL A 754 10.16 -28.23 10.72
C VAL A 754 10.11 -29.75 10.62
N TYR A 755 11.29 -30.36 10.47
CA TYR A 755 11.39 -31.80 10.28
C TYR A 755 12.23 -32.43 11.39
N LYS A 756 11.91 -33.69 11.70
CA LYS A 756 12.74 -34.55 12.52
C LYS A 756 13.38 -35.59 11.62
N ILE A 757 14.70 -35.66 11.63
CA ILE A 757 15.44 -36.57 10.77
C ILE A 757 15.94 -37.73 11.61
N THR A 758 15.43 -38.93 11.34
CA THR A 758 15.82 -40.14 12.04
C THR A 758 16.82 -40.88 11.14
N SER A 759 18.10 -40.63 11.37
CA SER A 759 19.16 -41.23 10.58
C SER A 759 19.79 -42.43 11.27
N GLY A 760 19.31 -42.82 12.44
CA GLY A 760 19.90 -43.89 13.21
C GLY A 760 20.99 -43.44 14.16
N LYS A 761 21.77 -42.43 13.78
CA LYS A 761 22.78 -41.90 14.69
C LYS A 761 22.14 -41.24 15.90
N LYS A 762 21.24 -40.30 15.66
CA LYS A 762 20.51 -39.58 16.70
C LYS A 762 19.49 -38.68 16.01
N PRO A 763 18.27 -38.60 16.52
CA PRO A 763 17.26 -37.76 15.88
C PRO A 763 17.69 -36.30 15.85
N ALA A 764 17.72 -35.73 14.64
CA ALA A 764 18.08 -34.34 14.42
C ALA A 764 16.89 -33.58 13.84
N PHE A 765 16.97 -32.25 13.93
CA PHE A 765 15.90 -31.37 13.46
C PHE A 765 16.45 -30.43 12.40
N ALA A 766 15.78 -30.39 11.26
CA ALA A 766 16.13 -29.54 10.13
C ALA A 766 14.95 -28.64 9.77
N MSE A 767 15.18 -27.74 8.84
CA MSE A 767 14.19 -26.73 8.49
C MSE A 767 14.15 -26.48 6.98
O MSE A 767 15.19 -26.41 6.33
CB MSE A 767 14.49 -25.43 9.23
CG MSE A 767 13.63 -24.26 8.84
SE MSE A 767 14.43 -22.57 9.36
CE MSE A 767 12.93 -21.82 10.33
N LEU A 768 12.95 -26.36 6.44
CA LEU A 768 12.74 -26.09 5.02
C LEU A 768 12.05 -24.74 4.88
N ARG A 769 12.76 -23.77 4.30
CA ARG A 769 12.21 -22.44 4.09
C ARG A 769 11.49 -22.42 2.75
N VAL A 770 10.16 -22.29 2.79
CA VAL A 770 9.34 -22.40 1.58
C VAL A 770 9.18 -21.02 0.97
N TYR A 771 9.66 -20.86 -0.27
CA TYR A 771 9.52 -19.60 -0.97
C TYR A 771 8.07 -19.36 -1.36
N THR A 772 7.73 -18.08 -1.53
CA THR A 772 6.39 -17.74 -1.98
C THR A 772 6.12 -18.29 -3.38
N ILE A 773 7.14 -18.30 -4.23
CA ILE A 773 6.94 -18.62 -5.64
C ILE A 773 6.61 -20.09 -5.83
N ASP A 774 7.14 -20.97 -4.98
CA ASP A 774 6.90 -22.40 -5.12
C ASP A 774 5.50 -22.81 -4.66
N LEU A 775 4.69 -21.88 -4.17
CA LEU A 775 3.31 -22.17 -3.77
C LEU A 775 2.29 -21.52 -4.69
N LEU A 776 2.74 -20.90 -5.80
CA LEU A 776 1.80 -20.24 -6.71
C LEU A 776 0.84 -21.21 -7.39
N PRO A 777 1.28 -22.32 -7.98
CA PRO A 777 0.33 -23.23 -8.63
C PRO A 777 -0.66 -23.85 -7.66
N TYR A 778 -0.34 -23.87 -6.37
CA TYR A 778 -1.18 -24.46 -5.34
C TYR A 778 -1.77 -23.39 -4.43
N ARG A 779 -2.18 -22.28 -5.03
CA ARG A 779 -2.75 -21.17 -4.24
C ARG A 779 -4.07 -21.58 -3.59
N ASN A 780 -4.82 -22.48 -4.22
CA ASN A 780 -6.14 -22.86 -3.76
C ASN A 780 -6.10 -23.99 -2.74
N GLN A 781 -4.92 -24.37 -2.26
CA GLN A 781 -4.79 -25.50 -1.36
C GLN A 781 -4.24 -25.03 -0.02
N ASP A 782 -4.12 -25.98 0.91
CA ASP A 782 -3.41 -25.73 2.16
C ASP A 782 -1.93 -25.59 1.84
N LEU A 783 -1.42 -24.35 1.94
CA LEU A 783 -0.02 -24.10 1.61
C LEU A 783 0.93 -24.93 2.45
N PHE A 784 0.53 -25.27 3.69
CA PHE A 784 1.39 -26.05 4.56
C PHE A 784 1.35 -27.54 4.27
N SER A 785 0.52 -27.98 3.33
CA SER A 785 0.50 -29.37 2.91
C SER A 785 0.91 -29.53 1.46
N VAL A 786 1.38 -28.46 0.82
CA VAL A 786 1.78 -28.51 -0.59
C VAL A 786 3.03 -29.36 -0.72
N GLU A 787 2.95 -30.41 -1.53
CA GLU A 787 4.11 -31.26 -1.78
C GLU A 787 5.12 -30.52 -2.64
N LEU A 788 6.20 -30.07 -2.02
CA LEU A 788 7.28 -29.44 -2.76
C LEU A 788 8.17 -30.50 -3.40
N LYS A 789 8.52 -30.29 -4.65
CA LYS A 789 9.28 -31.27 -5.39
C LYS A 789 10.77 -30.92 -5.35
N PRO A 790 11.66 -31.92 -5.44
CA PRO A 790 13.09 -31.64 -5.29
C PRO A 790 13.64 -30.64 -6.29
N GLN A 791 12.95 -30.42 -7.41
CA GLN A 791 13.41 -29.46 -8.40
C GLN A 791 13.14 -28.01 -8.01
N THR A 792 12.23 -27.78 -7.06
CA THR A 792 11.92 -26.41 -6.64
C THR A 792 13.11 -25.78 -5.94
N MSE A 793 13.22 -24.46 -6.05
CA MSE A 793 14.32 -23.71 -5.44
C MSE A 793 14.34 -23.90 -3.92
O MSE A 793 15.40 -23.94 -3.29
CB MSE A 793 14.22 -22.22 -5.77
CG MSE A 793 15.53 -21.45 -5.56
SE MSE A 793 16.89 -21.89 -6.89
CE MSE A 793 18.13 -22.93 -5.80
N SER A 794 13.14 -24.00 -3.34
CA SER A 794 13.03 -24.21 -1.90
C SER A 794 13.78 -25.46 -1.46
N MSE A 795 13.67 -26.53 -2.24
CA MSE A 795 14.37 -27.77 -1.96
C MSE A 795 15.87 -27.65 -2.19
O MSE A 795 16.67 -28.10 -1.37
CB MSE A 795 13.81 -28.90 -2.82
CG MSE A 795 12.43 -29.38 -2.39
SE MSE A 795 12.51 -30.18 -0.60
CE MSE A 795 10.94 -31.33 -0.72
N ARG A 796 16.26 -27.03 -3.31
CA ARG A 796 17.67 -26.93 -3.66
C ARG A 796 18.43 -26.05 -2.68
N GLN A 797 17.77 -25.03 -2.13
CA GLN A 797 18.40 -24.17 -1.14
C GLN A 797 18.36 -24.76 0.27
N ALA A 798 17.73 -25.91 0.45
CA ALA A 798 17.59 -26.49 1.78
C ALA A 798 18.92 -27.06 2.28
N GLU A 799 19.00 -27.25 3.59
CA GLU A 799 20.15 -27.91 4.19
C GLU A 799 20.32 -29.30 3.59
N LYS A 800 21.54 -29.62 3.17
CA LYS A 800 21.77 -30.83 2.40
C LYS A 800 21.33 -32.09 3.16
N LYS A 801 21.52 -32.08 4.49
CA LYS A 801 21.09 -33.22 5.30
C LYS A 801 19.60 -33.50 5.14
N LEU A 802 18.79 -32.44 5.11
CA LEU A 802 17.34 -32.61 4.98
C LEU A 802 16.97 -33.13 3.60
N ARG A 803 17.72 -32.75 2.57
CA ARG A 803 17.40 -33.18 1.21
C ARG A 803 17.63 -34.67 1.04
N ASP A 804 18.74 -35.19 1.57
CA ASP A 804 18.99 -36.62 1.50
C ASP A 804 17.96 -37.41 2.31
N ALA A 805 17.48 -36.83 3.41
CA ALA A 805 16.51 -37.54 4.23
C ALA A 805 15.14 -37.61 3.56
N LEU A 806 14.74 -36.52 2.90
CA LEU A 806 13.47 -36.53 2.18
C LEU A 806 13.49 -37.50 1.01
N ALA A 807 14.64 -37.69 0.37
CA ALA A 807 14.75 -38.61 -0.75
C ALA A 807 14.73 -40.07 -0.30
N THR A 808 14.94 -40.33 0.99
CA THR A 808 14.94 -41.68 1.53
C THR A 808 13.81 -41.96 2.50
N GLY A 809 13.10 -40.92 2.96
CA GLY A 809 11.99 -41.11 3.88
C GLY A 809 12.36 -41.10 5.35
N ASN A 810 13.39 -40.37 5.72
CA ASN A 810 13.83 -40.30 7.12
C ASN A 810 13.54 -38.95 7.75
N ALA A 811 12.83 -38.08 7.05
CA ALA A 811 12.47 -36.77 7.56
C ALA A 811 10.97 -36.74 7.83
N GLU A 812 10.60 -36.48 9.08
CA GLU A 812 9.20 -36.48 9.51
C GLU A 812 8.71 -35.05 9.63
N TYR A 813 7.76 -34.68 8.77
CA TYR A 813 7.12 -33.38 8.87
C TYR A 813 6.38 -33.26 10.19
N LEU A 814 6.82 -32.34 11.05
CA LEU A 814 6.22 -32.10 12.36
C LEU A 814 5.29 -30.90 12.39
N GLY A 815 5.67 -29.80 11.75
CA GLY A 815 4.84 -28.60 11.79
C GLY A 815 5.50 -27.48 11.04
N TRP A 816 4.79 -26.37 10.94
CA TRP A 816 5.26 -25.21 10.21
C TRP A 816 5.35 -23.99 11.13
N LEU A 817 6.35 -23.15 10.87
CA LEU A 817 6.53 -21.88 11.55
C LEU A 817 6.30 -20.74 10.58
N VAL A 818 5.98 -19.57 11.13
CA VAL A 818 5.72 -18.37 10.36
C VAL A 818 6.26 -17.19 11.16
N VAL A 819 6.56 -16.10 10.44
CA VAL A 819 7.09 -14.91 11.10
C VAL A 819 6.06 -14.37 12.07
N ASP A 820 6.53 -13.96 13.25
CA ASP A 820 5.71 -13.49 14.37
C ASP A 820 5.02 -14.64 15.10
N ASP A 821 5.50 -15.87 14.94
CA ASP A 821 5.08 -16.96 15.79
C ASP A 821 5.81 -16.87 17.12
N GLU A 822 5.11 -17.27 18.18
CA GLU A 822 5.62 -17.22 19.54
C GLU A 822 6.18 -18.59 19.94
N LEU A 823 7.38 -18.58 20.49
CA LEU A 823 8.03 -19.80 20.96
C LEU A 823 8.27 -19.72 22.47
N VAL A 824 8.22 -20.88 23.11
CA VAL A 824 8.70 -21.04 24.48
C VAL A 824 9.96 -21.89 24.41
N VAL A 825 11.07 -21.35 24.92
CA VAL A 825 12.38 -21.97 24.76
C VAL A 825 13.06 -22.08 26.12
N ASP A 826 13.67 -23.24 26.37
CA ASP A 826 14.50 -23.46 27.56
C ASP A 826 15.94 -23.12 27.18
N THR A 827 16.39 -21.94 27.59
CA THR A 827 17.70 -21.42 27.23
C THR A 827 18.79 -21.80 28.21
N SER A 828 18.53 -22.75 29.11
CA SER A 828 19.56 -23.11 30.09
C SER A 828 20.74 -23.81 29.43
N LYS A 829 20.50 -24.58 28.38
CA LYS A 829 21.55 -25.41 27.80
C LYS A 829 22.09 -24.89 26.47
N ILE A 830 21.35 -24.04 25.76
CA ILE A 830 21.68 -23.67 24.39
C ILE A 830 21.92 -22.18 24.23
N ALA A 831 21.78 -21.39 25.29
CA ALA A 831 21.98 -19.95 25.18
C ALA A 831 23.43 -19.63 24.83
N THR A 832 23.61 -18.70 23.90
CA THR A 832 24.94 -18.20 23.59
C THR A 832 25.42 -17.28 24.71
N ASP A 833 26.69 -16.87 24.63
CA ASP A 833 27.25 -16.05 25.69
C ASP A 833 26.55 -14.70 25.78
N GLN A 834 26.24 -14.09 24.64
CA GLN A 834 25.58 -12.79 24.67
C GLN A 834 24.13 -12.91 25.13
N VAL A 835 23.48 -14.04 24.85
CA VAL A 835 22.15 -14.28 25.39
C VAL A 835 22.21 -14.36 26.91
N LYS A 836 23.17 -15.13 27.43
CA LYS A 836 23.30 -15.26 28.88
C LYS A 836 23.64 -13.93 29.53
N ALA A 837 24.44 -13.11 28.84
CA ALA A 837 24.73 -11.77 29.36
C ALA A 837 23.45 -10.94 29.41
N VAL A 838 22.60 -11.06 28.40
CA VAL A 838 21.28 -10.43 28.47
C VAL A 838 20.48 -11.06 29.61
N GLU A 839 20.47 -12.40 29.68
CA GLU A 839 19.63 -13.08 30.66
C GLU A 839 20.11 -12.80 32.09
N ALA A 840 21.42 -12.73 32.29
CA ALA A 840 21.95 -12.40 33.62
C ALA A 840 21.45 -11.03 34.08
N GLU A 841 21.50 -10.04 33.19
CA GLU A 841 21.10 -8.68 33.56
C GLU A 841 19.59 -8.54 33.65
N LEU A 842 18.84 -9.28 32.83
CA LEU A 842 17.41 -9.08 32.70
C LEU A 842 16.56 -10.24 33.21
N GLY A 843 17.17 -11.39 33.52
CA GLY A 843 16.40 -12.54 33.91
C GLY A 843 16.25 -13.54 32.76
N THR A 844 15.97 -14.79 33.13
CA THR A 844 15.82 -15.84 32.14
C THR A 844 14.69 -15.52 31.17
N ILE A 845 14.98 -15.66 29.88
CA ILE A 845 14.03 -15.35 28.82
C ILE A 845 13.60 -16.66 28.19
N ARG A 846 12.35 -17.07 28.44
CA ARG A 846 11.84 -18.31 27.88
C ARG A 846 10.77 -18.10 26.81
N ARG A 847 10.29 -16.87 26.62
CA ARG A 847 9.32 -16.57 25.59
C ARG A 847 9.99 -15.77 24.48
N TRP A 848 10.04 -16.34 23.28
CA TRP A 848 10.72 -15.73 22.14
C TRP A 848 9.75 -15.60 20.97
N ARG A 849 10.12 -14.74 20.02
CA ARG A 849 9.32 -14.45 18.83
C ARG A 849 10.14 -14.71 17.59
N VAL A 850 9.49 -15.30 16.57
CA VAL A 850 10.15 -15.62 15.31
C VAL A 850 10.07 -14.40 14.42
N ASP A 851 11.21 -13.74 14.19
CA ASP A 851 11.27 -12.55 13.35
C ASP A 851 11.77 -12.82 11.94
N GLY A 852 12.41 -13.96 11.71
CA GLY A 852 12.90 -14.28 10.39
C GLY A 852 13.48 -15.68 10.34
N PHE A 853 13.79 -16.12 9.13
CA PHE A 853 14.45 -17.38 8.87
C PHE A 853 15.84 -17.02 8.33
N PHE A 854 16.82 -16.97 9.24
CA PHE A 854 18.10 -16.33 8.94
C PHE A 854 18.87 -17.09 7.86
N SER A 855 19.20 -18.34 8.13
CA SER A 855 19.95 -19.17 7.20
C SER A 855 19.14 -20.41 6.89
N PRO A 856 19.59 -21.26 5.95
CA PRO A 856 18.95 -22.57 5.77
C PRO A 856 19.05 -23.47 6.98
N SER A 857 19.68 -23.03 8.06
CA SER A 857 19.86 -23.83 9.26
C SER A 857 19.74 -23.01 10.55
N LYS A 858 19.36 -21.74 10.47
CA LYS A 858 19.33 -20.86 11.62
C LYS A 858 18.03 -20.08 11.63
N LEU A 859 17.52 -19.85 12.84
CA LEU A 859 16.38 -18.99 13.09
C LEU A 859 16.83 -17.61 13.53
N ARG A 860 15.96 -16.62 13.32
CA ARG A 860 16.15 -15.28 13.86
C ARG A 860 15.11 -15.05 14.94
N LEU A 861 15.52 -15.08 16.19
CA LEU A 861 14.63 -14.93 17.33
C LEU A 861 15.01 -13.71 18.15
N ARG A 862 14.00 -13.07 18.74
CA ARG A 862 14.15 -11.94 19.62
C ARG A 862 13.25 -12.15 20.84
N PRO A 863 13.61 -11.55 21.97
CA PRO A 863 12.74 -11.67 23.15
C PRO A 863 11.35 -11.13 22.87
N LEU A 864 10.33 -11.91 23.23
CA LEU A 864 8.95 -11.56 22.86
C LEU A 864 8.48 -10.30 23.57
N GLN A 865 8.80 -10.15 24.86
CA GLN A 865 8.21 -9.13 25.71
C GLN A 865 9.05 -7.86 25.79
N MSE A 866 9.99 -7.65 24.87
CA MSE A 866 10.87 -6.50 24.98
C MSE A 866 10.90 -5.62 23.72
O MSE A 866 10.65 -6.10 22.61
CB MSE A 866 12.29 -6.93 25.33
CG MSE A 866 12.35 -7.68 26.63
SE MSE A 866 14.06 -8.51 26.96
CE MSE A 866 13.46 -9.89 28.19
N SER A 867 11.20 -4.34 23.92
CA SER A 867 11.25 -3.36 22.85
C SER A 867 12.62 -2.70 22.84
N LYS A 868 13.00 -2.17 21.67
CA LYS A 868 14.32 -1.57 21.53
C LYS A 868 14.41 -0.22 22.22
N GLU A 869 13.29 0.49 22.35
CA GLU A 869 13.31 1.84 22.93
C GLU A 869 13.72 1.84 24.40
N GLY A 870 13.58 0.72 25.09
CA GLY A 870 14.00 0.65 26.47
C GLY A 870 15.50 0.52 26.69
N ILE A 871 16.26 0.29 25.62
CA ILE A 871 17.71 0.16 25.74
C ILE A 871 18.29 1.55 25.96
N LYS A 872 18.89 1.77 27.14
CA LYS A 872 19.48 3.05 27.48
C LYS A 872 20.97 3.07 27.14
N LYS A 873 21.58 4.23 27.32
CA LYS A 873 23.01 4.35 27.05
C LYS A 873 23.85 3.64 28.09
N GLU A 874 23.35 3.55 29.32
CA GLU A 874 24.06 2.88 30.41
C GLU A 874 23.85 1.36 30.41
N SER A 875 23.09 0.83 29.45
CA SER A 875 22.84 -0.60 29.39
C SER A 875 24.03 -1.33 28.79
N ALA A 876 23.95 -2.66 28.75
CA ALA A 876 25.01 -3.47 28.17
C ALA A 876 24.88 -3.55 26.65
N PRO A 877 25.99 -3.67 25.93
CA PRO A 877 25.91 -3.79 24.46
C PRO A 877 25.29 -5.10 24.00
N GLU A 878 25.21 -6.11 24.87
CA GLU A 878 24.62 -7.39 24.48
C GLU A 878 23.13 -7.25 24.22
N LEU A 879 22.47 -6.29 24.87
CA LEU A 879 21.05 -6.10 24.67
C LEU A 879 20.76 -5.63 23.24
N SER A 880 21.59 -4.71 22.71
CA SER A 880 21.38 -4.24 21.35
C SER A 880 21.55 -5.36 20.33
N LYS A 881 22.44 -6.32 20.62
CA LYS A 881 22.62 -7.46 19.73
C LYS A 881 21.40 -8.36 19.73
N ILE A 882 20.83 -8.62 20.91
CA ILE A 882 19.77 -9.61 21.03
C ILE A 882 18.40 -9.01 20.73
N ILE A 883 18.16 -7.76 21.14
CA ILE A 883 16.86 -7.14 21.03
C ILE A 883 16.73 -6.30 19.76
N ASP A 884 17.80 -5.63 19.32
CA ASP A 884 17.71 -4.72 18.17
C ASP A 884 18.13 -5.41 16.90
N ARG A 885 19.40 -5.77 16.77
CA ARG A 885 19.91 -6.33 15.53
C ARG A 885 21.20 -7.08 15.81
N PRO A 886 21.36 -8.31 15.30
CA PRO A 886 20.39 -9.03 14.48
C PRO A 886 19.47 -9.96 15.27
N GLY A 887 19.70 -10.06 16.58
CA GLY A 887 18.94 -10.95 17.42
C GLY A 887 19.63 -12.29 17.62
N TRP A 888 19.00 -13.11 18.44
CA TRP A 888 19.48 -14.47 18.66
C TRP A 888 19.32 -15.28 17.39
N LEU A 889 20.41 -15.92 16.95
CA LEU A 889 20.46 -16.65 15.69
C LEU A 889 20.82 -18.11 15.97
N PRO A 890 19.95 -18.85 16.66
CA PRO A 890 20.28 -20.23 17.03
C PRO A 890 20.20 -21.16 15.84
N ALA A 891 20.98 -22.23 15.89
CA ALA A 891 20.86 -23.29 14.90
C ALA A 891 19.58 -24.07 15.15
N VAL A 892 18.91 -24.45 14.05
CA VAL A 892 17.63 -25.14 14.17
C VAL A 892 17.81 -26.48 14.88
N ASN A 893 18.86 -27.22 14.52
CA ASN A 893 19.06 -28.54 15.13
C ASN A 893 19.42 -28.42 16.61
N LYS A 894 20.27 -27.47 16.96
CA LYS A 894 20.64 -27.28 18.36
C LYS A 894 19.45 -26.81 19.17
N LEU A 895 18.65 -25.89 18.62
CA LEU A 895 17.55 -25.31 19.36
C LEU A 895 16.46 -26.33 19.67
N PHE A 896 16.08 -27.13 18.68
CA PHE A 896 14.96 -28.04 18.86
C PHE A 896 15.37 -29.32 19.59
N SER A 897 16.65 -29.66 19.56
CA SER A 897 17.09 -30.89 20.21
C SER A 897 17.18 -30.70 21.73
N ASP A 898 17.70 -29.56 22.17
CA ASP A 898 17.98 -29.31 23.58
C ASP A 898 17.26 -28.08 24.13
N GLY A 899 16.33 -27.51 23.39
CA GLY A 899 15.68 -26.29 23.83
C GLY A 899 14.29 -26.50 24.40
N ASN A 900 13.73 -27.68 24.17
CA ASN A 900 12.38 -28.02 24.62
C ASN A 900 11.38 -26.95 24.19
N VAL A 901 11.30 -26.76 22.88
CA VAL A 901 10.60 -25.63 22.28
C VAL A 901 9.14 -26.00 22.02
N THR A 902 8.25 -25.07 22.34
CA THR A 902 6.82 -25.20 22.08
C THR A 902 6.35 -23.98 21.30
N VAL A 903 5.64 -24.21 20.20
CA VAL A 903 5.06 -23.16 19.39
C VAL A 903 3.69 -22.81 19.96
N VAL A 904 3.48 -21.54 20.28
CA VAL A 904 2.31 -21.09 21.03
C VAL A 904 1.44 -20.23 20.13
N ARG A 905 0.19 -20.66 19.94
CA ARG A 905 -0.82 -19.89 19.23
C ARG A 905 -1.94 -19.53 20.19
N ARG A 906 -2.49 -18.32 20.05
CA ARG A 906 -3.45 -17.80 21.01
C ARG A 906 -4.70 -17.30 20.29
N ASP A 907 -5.78 -17.17 21.06
CA ASP A 907 -7.04 -16.62 20.57
C ASP A 907 -7.03 -15.11 20.78
N SER A 908 -8.15 -14.43 20.52
CA SER A 908 -8.14 -12.98 20.58
C SER A 908 -7.94 -12.48 22.00
N LEU A 909 -8.29 -13.29 23.00
CA LEU A 909 -8.15 -12.93 24.40
C LEU A 909 -6.80 -13.32 24.98
N GLY A 910 -5.87 -13.78 24.15
CA GLY A 910 -4.54 -14.15 24.60
C GLY A 910 -4.43 -15.51 25.23
N ARG A 911 -5.50 -16.30 25.23
CA ARG A 911 -5.46 -17.62 25.85
C ARG A 911 -4.85 -18.63 24.90
N VAL A 912 -4.07 -19.57 25.46
CA VAL A 912 -3.42 -20.57 24.65
C VAL A 912 -4.46 -21.48 24.01
N ARG A 913 -4.29 -21.74 22.72
CA ARG A 913 -5.20 -22.57 21.95
C ARG A 913 -4.52 -23.89 21.64
N LEU A 914 -5.07 -24.98 22.21
CA LEU A 914 -4.48 -26.31 22.05
C LEU A 914 -5.19 -27.15 21.00
N GLU A 915 -6.50 -27.00 20.82
CA GLU A 915 -7.23 -27.66 19.76
C GLU A 915 -8.23 -26.69 19.17
N SER A 916 -8.58 -26.92 17.90
CA SER A 916 -9.47 -26.03 17.16
C SER A 916 -10.44 -26.83 16.33
N THR A 917 -11.72 -26.46 16.41
CA THR A 917 -12.75 -27.02 15.53
C THR A 917 -12.73 -26.37 14.15
N ALA A 918 -12.21 -25.15 14.04
CA ALA A 918 -12.22 -24.41 12.80
C ALA A 918 -10.93 -24.57 12.00
N HIS A 919 -10.03 -25.46 12.42
CA HIS A 919 -8.75 -25.67 11.76
C HIS A 919 -7.93 -24.37 11.73
N LEU A 920 -7.88 -23.70 12.87
CA LEU A 920 -7.05 -22.53 13.08
C LEU A 920 -5.67 -22.94 13.59
N PRO A 921 -4.67 -22.06 13.49
CA PRO A 921 -3.34 -22.41 14.00
C PRO A 921 -3.41 -22.84 15.46
N VAL A 922 -2.68 -23.89 15.80
CA VAL A 922 -2.80 -24.54 17.10
C VAL A 922 -1.42 -24.71 17.73
N THR A 923 -1.39 -24.67 19.06
CA THR A 923 -0.15 -24.83 19.81
C THR A 923 0.34 -26.27 19.70
N TRP A 924 1.63 -26.43 19.39
CA TRP A 924 2.23 -27.76 19.26
C TRP A 924 3.65 -27.70 19.81
N LYS A 925 4.16 -28.88 20.17
CA LYS A 925 5.47 -29.01 20.80
C LYS A 925 6.43 -29.69 19.82
N VAL A 926 7.61 -29.11 19.67
CA VAL A 926 8.62 -29.64 18.76
C VAL A 926 9.35 -30.77 19.47
N GLN A 927 9.07 -32.02 19.05
CA GLN A 927 9.71 -33.19 19.65
C GLN A 927 9.51 -34.41 18.76
C1 EDO E . 0.73 -18.36 28.51
O1 EDO E . 0.09 -19.42 29.24
C2 EDO E . 0.43 -17.03 29.17
O2 EDO E . 1.27 -16.01 28.60
ZN ZN F . 18.25 -35.68 -28.71
C1 EDO G . 24.81 -4.82 -27.55
O1 EDO G . 24.76 -3.53 -26.92
C2 EDO G . 23.85 -5.77 -26.84
O2 EDO G . 23.81 -7.02 -27.54
#